data_2AXV
#
_entry.id   2AXV
#
_cell.length_a   82.076
_cell.length_b   82.076
_cell.length_c   263.480
_cell.angle_alpha   90.00
_cell.angle_beta   90.00
_cell.angle_gamma   90.00
#
_symmetry.space_group_name_H-M   'P 21 21 21'
#
loop_
_entity.id
_entity.type
_entity.pdbx_description
1 polymer PrgX
2 water water
#
_entity_poly.entity_id   1
_entity_poly.type   'polypeptide(L)'
_entity_poly.pdbx_seq_one_letter_code
;MFKIGSVLKQIRQELNYHQIDLYSGIMSKSVYIKVEADSRPISVEELSKFSERLGVNFFEILNRAGMNTKSVNETGKEKL
LISKIFTNPDLFDKNFQRIEPKRLTSLQYFSIYLGYISIAHHYNIEVPTFNKTITSDLKHLYDKRTTFFGIDCEIVSNLL
NVLPYEEVSSIIKPMYPIVDSFGKDYDLTIQTVLKNALTISIMNRNLKEAQYYINQFEHLKTIKNISINGYYDLEINYLK
QIYQFLTDKNIDSYLNAVNIINIFKIIGKEDIHRSLVEELTKISAKEKFTPPKEVTMYYENYVAIENNPIPEIKEQS
;
_entity_poly.pdbx_strand_id   A,B,C,D
#
# COMPACT_ATOMS: atom_id res chain seq x y z
N PHE A 2 -22.17 30.50 -39.75
CA PHE A 2 -22.47 31.57 -40.74
C PHE A 2 -22.25 32.98 -40.16
N LYS A 3 -22.50 33.21 -38.86
CA LYS A 3 -22.58 34.58 -38.35
C LYS A 3 -21.26 35.19 -37.90
N ILE A 4 -20.24 35.08 -38.75
CA ILE A 4 -18.89 35.42 -38.34
C ILE A 4 -18.72 36.91 -38.17
N GLY A 5 -19.34 37.68 -39.06
CA GLY A 5 -19.27 39.12 -39.02
C GLY A 5 -19.72 39.70 -37.72
N SER A 6 -20.86 39.26 -37.21
CA SER A 6 -21.32 39.80 -35.94
C SER A 6 -20.33 39.45 -34.81
N VAL A 7 -19.71 38.29 -34.88
CA VAL A 7 -18.75 37.93 -33.85
C VAL A 7 -17.51 38.79 -33.97
N LEU A 8 -17.09 39.10 -35.20
CA LEU A 8 -16.02 40.05 -35.41
C LEU A 8 -16.37 41.41 -34.79
N LYS A 9 -17.59 41.91 -35.02
CA LYS A 9 -18.02 43.19 -34.46
C LYS A 9 -17.93 43.14 -32.96
N GLN A 10 -18.53 42.11 -32.39
CA GLN A 10 -18.64 41.92 -30.96
C GLN A 10 -17.29 41.99 -30.34
N ILE A 11 -16.35 41.27 -30.90
CA ILE A 11 -15.01 41.22 -30.37
C ILE A 11 -14.28 42.54 -30.59
N ARG A 12 -14.50 43.16 -31.73
CA ARG A 12 -13.84 44.42 -32.03
C ARG A 12 -14.23 45.48 -31.02
N GLN A 13 -15.54 45.64 -30.84
CA GLN A 13 -16.07 46.62 -29.93
C GLN A 13 -15.60 46.31 -28.54
N GLU A 14 -15.64 45.04 -28.13
CA GLU A 14 -15.20 44.64 -26.79
C GLU A 14 -13.80 45.17 -26.47
N LEU A 15 -12.93 45.12 -27.46
CA LEU A 15 -11.53 45.51 -27.32
C LEU A 15 -11.31 46.96 -27.65
N ASN A 16 -12.37 47.65 -28.01
CA ASN A 16 -12.31 49.04 -28.36
C ASN A 16 -11.35 49.24 -29.53
N TYR A 17 -11.56 48.46 -30.59
CA TYR A 17 -10.96 48.74 -31.87
C TYR A 17 -12.03 49.44 -32.72
N HIS A 18 -11.56 50.15 -33.74
CA HIS A 18 -12.40 50.80 -34.74
C HIS A 18 -12.29 50.00 -35.99
N GLN A 19 -13.33 50.07 -36.81
CA GLN A 19 -13.40 49.30 -38.03
C GLN A 19 -12.08 49.38 -38.81
N ILE A 20 -11.50 50.58 -38.87
CA ILE A 20 -10.25 50.82 -39.61
C ILE A 20 -9.09 49.94 -39.15
N ASP A 21 -9.04 49.69 -37.86
CA ASP A 21 -8.04 48.85 -37.28
C ASP A 21 -8.12 47.45 -37.84
N LEU A 22 -9.33 47.01 -38.18
CA LEU A 22 -9.50 45.70 -38.81
C LEU A 22 -9.27 45.71 -40.30
N TYR A 23 -10.01 46.55 -41.01
CA TYR A 23 -10.07 46.49 -42.47
C TYR A 23 -8.89 47.08 -43.21
N SER A 24 -8.14 48.00 -42.60
CA SER A 24 -7.14 48.74 -43.38
C SER A 24 -6.00 47.88 -43.95
N GLY A 25 -5.90 47.86 -45.26
CA GLY A 25 -4.91 47.04 -45.93
C GLY A 25 -5.44 45.66 -46.17
N ILE A 26 -6.73 45.48 -45.99
CA ILE A 26 -7.41 44.19 -46.18
C ILE A 26 -8.60 44.36 -47.08
N MET A 27 -9.40 45.39 -46.83
CA MET A 27 -10.50 45.70 -47.70
C MET A 27 -10.97 47.12 -47.48
N SER A 28 -11.84 47.58 -48.37
CA SER A 28 -12.42 48.90 -48.22
C SER A 28 -13.35 48.99 -47.00
N LYS A 29 -13.52 50.19 -46.51
CA LYS A 29 -14.43 50.42 -45.40
C LYS A 29 -15.83 49.88 -45.68
N SER A 30 -16.34 50.14 -46.86
CA SER A 30 -17.71 49.76 -47.19
C SER A 30 -17.85 48.27 -47.24
N VAL A 31 -16.88 47.59 -47.87
CA VAL A 31 -16.89 46.15 -47.98
C VAL A 31 -16.92 45.57 -46.56
N TYR A 32 -15.99 46.03 -45.74
CA TYR A 32 -15.88 45.58 -44.37
C TYR A 32 -17.19 45.68 -43.64
N ILE A 33 -17.95 46.73 -43.85
CA ILE A 33 -19.25 46.86 -43.16
C ILE A 33 -20.24 45.76 -43.58
N LYS A 34 -20.14 45.34 -44.84
CA LYS A 34 -20.98 44.28 -45.41
C LYS A 34 -20.56 42.94 -44.79
N VAL A 35 -19.25 42.75 -44.65
CA VAL A 35 -18.72 41.61 -43.93
C VAL A 35 -19.31 41.55 -42.54
N GLU A 36 -19.15 42.64 -41.80
CA GLU A 36 -19.55 42.71 -40.40
C GLU A 36 -21.05 42.64 -40.21
N ALA A 37 -21.79 43.02 -41.24
CA ALA A 37 -23.25 42.83 -41.29
C ALA A 37 -23.67 41.40 -41.67
N ASP A 38 -22.73 40.54 -41.99
CA ASP A 38 -23.00 39.19 -42.45
C ASP A 38 -23.65 39.15 -43.84
N SER A 39 -23.52 40.23 -44.58
CA SER A 39 -24.14 40.35 -45.90
C SER A 39 -23.14 39.93 -46.98
N ARG A 40 -21.84 40.05 -46.72
CA ARG A 40 -20.82 39.53 -47.61
C ARG A 40 -20.20 38.36 -46.92
N PRO A 41 -20.06 37.22 -47.61
CA PRO A 41 -19.22 36.15 -47.07
C PRO A 41 -17.74 36.50 -46.96
N ILE A 42 -17.02 35.74 -46.14
CA ILE A 42 -15.67 36.08 -45.71
C ILE A 42 -14.72 34.93 -46.02
N SER A 43 -13.60 35.26 -46.65
CA SER A 43 -12.64 34.25 -47.04
C SER A 43 -11.85 33.90 -45.82
N VAL A 44 -11.45 32.63 -45.77
CA VAL A 44 -10.63 32.10 -44.73
C VAL A 44 -9.46 33.05 -44.46
N GLU A 45 -8.89 33.52 -45.54
CA GLU A 45 -7.75 34.38 -45.47
C GLU A 45 -8.03 35.65 -44.73
N GLU A 46 -9.12 36.30 -45.11
CA GLU A 46 -9.55 37.56 -44.48
C GLU A 46 -9.80 37.38 -43.01
N LEU A 47 -10.54 36.34 -42.69
CA LEU A 47 -10.87 36.03 -41.31
C LEU A 47 -9.63 35.74 -40.46
N SER A 48 -8.68 35.06 -41.07
CA SER A 48 -7.43 34.77 -40.42
C SER A 48 -6.67 36.06 -40.13
N LYS A 49 -6.65 36.97 -41.10
CA LYS A 49 -6.06 38.28 -40.89
C LYS A 49 -6.73 39.02 -39.74
N PHE A 50 -8.05 39.12 -39.77
CA PHE A 50 -8.80 39.84 -38.74
C PHE A 50 -8.57 39.25 -37.37
N SER A 51 -8.48 37.93 -37.32
CA SER A 51 -8.17 37.21 -36.11
C SER A 51 -6.85 37.69 -35.49
N GLU A 52 -5.83 37.81 -36.33
CA GLU A 52 -4.51 38.38 -35.93
C GLU A 52 -4.61 39.76 -35.28
N ARG A 53 -5.47 40.58 -35.85
CA ARG A 53 -5.61 41.98 -35.51
C ARG A 53 -6.32 42.16 -34.16
N LEU A 54 -7.34 41.33 -33.92
CA LEU A 54 -8.08 41.33 -32.67
C LEU A 54 -7.24 40.74 -31.55
N GLY A 55 -6.45 39.74 -31.96
CA GLY A 55 -5.62 38.97 -31.06
C GLY A 55 -6.28 37.72 -30.52
N VAL A 56 -7.55 37.47 -30.86
CA VAL A 56 -8.18 36.23 -30.38
C VAL A 56 -8.09 35.21 -31.49
N ASN A 57 -8.15 33.96 -31.08
CA ASN A 57 -7.73 32.85 -31.90
C ASN A 57 -8.71 32.52 -32.95
N PHE A 58 -8.16 32.31 -34.14
CA PHE A 58 -8.95 31.93 -35.30
C PHE A 58 -10.03 30.92 -34.95
N PHE A 59 -9.66 29.79 -34.35
CA PHE A 59 -10.69 28.74 -34.17
C PHE A 59 -11.71 29.11 -33.14
N GLU A 60 -11.32 29.88 -32.13
CA GLU A 60 -12.27 30.35 -31.13
C GLU A 60 -13.31 31.20 -31.82
N ILE A 61 -12.90 32.07 -32.73
CA ILE A 61 -13.86 32.91 -33.44
C ILE A 61 -14.85 32.09 -34.23
N LEU A 62 -14.33 31.15 -35.02
CA LEU A 62 -15.14 30.20 -35.79
C LEU A 62 -16.15 29.47 -34.93
N ASN A 63 -15.71 29.12 -33.74
CA ASN A 63 -16.54 28.42 -32.79
C ASN A 63 -17.59 29.29 -32.12
N ARG A 64 -17.26 30.55 -31.87
CA ARG A 64 -18.24 31.52 -31.36
C ARG A 64 -19.25 31.85 -32.45
N ALA A 65 -18.81 31.79 -33.71
CA ALA A 65 -19.69 32.08 -34.83
C ALA A 65 -20.63 30.92 -35.10
N GLY A 66 -20.59 29.85 -34.28
CA GLY A 66 -21.55 28.78 -34.30
C GLY A 66 -21.11 27.46 -34.94
N MET A 67 -19.81 27.25 -35.11
CA MET A 67 -19.30 25.91 -35.59
C MET A 67 -19.01 24.92 -34.44
N ASN A 68 -18.89 25.45 -33.22
CA ASN A 68 -18.89 24.62 -31.99
C ASN A 68 -20.09 23.61 -31.96
N THR A 69 -21.28 24.10 -32.33
CA THR A 69 -22.45 23.26 -32.53
C THR A 69 -22.22 22.39 -33.79
N LYS A 70 -22.30 21.06 -33.61
CA LYS A 70 -22.20 20.10 -34.71
C LYS A 70 -23.60 19.93 -35.35
N SER A 71 -24.18 21.05 -35.80
CA SER A 71 -25.63 21.16 -36.17
C SER A 71 -25.93 21.98 -37.45
N VAL A 72 -25.10 22.99 -37.71
CA VAL A 72 -25.41 23.98 -38.74
C VAL A 72 -25.40 23.39 -40.20
N ASN A 73 -25.06 22.09 -40.36
CA ASN A 73 -25.30 21.40 -41.64
C ASN A 73 -25.98 20.04 -41.46
N GLU A 74 -26.39 19.46 -42.59
CA GLU A 74 -27.27 18.27 -42.60
C GLU A 74 -26.65 17.04 -41.93
N THR A 75 -25.39 16.77 -42.28
CA THR A 75 -24.65 15.67 -41.70
C THR A 75 -24.49 15.85 -40.19
N GLY A 76 -24.24 17.08 -39.77
CA GLY A 76 -24.19 17.42 -38.36
C GLY A 76 -25.46 17.00 -37.64
N LYS A 77 -26.62 17.46 -38.15
CA LYS A 77 -27.94 17.11 -37.57
C LYS A 77 -28.14 15.60 -37.45
N GLU A 78 -27.83 14.89 -38.53
CA GLU A 78 -27.89 13.42 -38.56
C GLU A 78 -27.02 12.71 -37.51
N LYS A 79 -25.92 13.35 -37.15
CA LYS A 79 -25.02 12.83 -36.16
C LYS A 79 -25.64 13.04 -34.76
N LEU A 80 -26.21 14.22 -34.51
CA LEU A 80 -26.88 14.51 -33.23
C LEU A 80 -28.04 13.58 -32.99
N LEU A 81 -28.76 13.30 -34.08
CA LEU A 81 -29.86 12.34 -34.11
C LEU A 81 -29.57 11.01 -33.40
N ILE A 82 -28.33 10.54 -33.48
CA ILE A 82 -27.92 9.25 -32.97
C ILE A 82 -28.20 9.10 -31.46
N SER A 83 -27.72 10.03 -30.66
CA SER A 83 -27.90 9.98 -29.19
C SER A 83 -29.37 9.97 -28.79
N LYS A 84 -30.19 10.76 -29.51
CA LYS A 84 -31.69 10.70 -29.39
C LYS A 84 -32.21 9.26 -29.60
N ILE A 85 -31.90 8.70 -30.77
CA ILE A 85 -32.34 7.34 -31.16
C ILE A 85 -31.81 6.27 -30.20
N PHE A 86 -30.68 6.53 -29.54
CA PHE A 86 -30.14 5.58 -28.57
C PHE A 86 -31.09 5.51 -27.39
N THR A 87 -31.32 6.66 -26.76
CA THR A 87 -32.18 6.73 -25.60
C THR A 87 -33.65 6.39 -25.90
N ASN A 88 -34.06 6.48 -27.17
CA ASN A 88 -35.41 6.14 -27.60
C ASN A 88 -35.37 5.27 -28.87
N PRO A 89 -35.06 3.95 -28.72
CA PRO A 89 -34.95 3.05 -29.89
C PRO A 89 -36.17 3.00 -30.81
N ASP A 90 -37.35 3.35 -30.27
CA ASP A 90 -38.56 3.63 -31.06
C ASP A 90 -38.22 4.28 -32.40
N LEU A 91 -37.44 5.35 -32.34
CA LEU A 91 -37.22 6.20 -33.49
C LEU A 91 -36.36 5.52 -34.57
N PHE A 92 -35.70 4.41 -34.19
CA PHE A 92 -34.76 3.74 -35.08
C PHE A 92 -35.30 3.58 -36.49
N ASP A 93 -36.26 2.67 -36.65
CA ASP A 93 -36.56 2.17 -38.00
C ASP A 93 -36.85 3.25 -39.04
N LYS A 94 -37.68 4.21 -38.64
CA LYS A 94 -37.99 5.38 -39.46
C LYS A 94 -36.73 6.02 -40.09
N ASN A 95 -35.78 6.38 -39.23
CA ASN A 95 -34.56 7.10 -39.64
C ASN A 95 -33.54 6.22 -40.30
N PHE A 96 -33.33 5.04 -39.68
CA PHE A 96 -32.46 4.03 -40.24
C PHE A 96 -32.82 3.70 -41.68
N GLN A 97 -34.11 3.63 -41.98
CA GLN A 97 -34.53 3.37 -43.36
C GLN A 97 -34.04 4.47 -44.32
N ARG A 98 -33.99 5.71 -43.85
CA ARG A 98 -33.47 6.82 -44.65
C ARG A 98 -31.92 6.83 -44.73
N ILE A 99 -31.26 6.33 -43.67
CA ILE A 99 -29.77 6.36 -43.58
C ILE A 99 -29.06 5.17 -44.24
N GLU A 100 -29.61 3.95 -44.08
CA GLU A 100 -29.01 2.74 -44.69
C GLU A 100 -28.68 2.95 -46.18
N PRO A 101 -29.60 3.53 -46.98
CA PRO A 101 -29.22 3.80 -48.39
C PRO A 101 -28.15 4.89 -48.59
N LYS A 102 -28.14 5.91 -47.71
CA LYS A 102 -27.21 7.04 -47.81
C LYS A 102 -25.80 6.72 -47.29
N ARG A 103 -25.61 5.53 -46.72
CA ARG A 103 -24.40 5.19 -45.96
C ARG A 103 -23.08 5.40 -46.67
N LEU A 104 -23.05 5.14 -47.98
CA LEU A 104 -21.81 5.31 -48.74
C LEU A 104 -21.69 6.65 -49.43
N THR A 105 -22.57 7.59 -49.08
CA THR A 105 -22.53 8.97 -49.61
C THR A 105 -21.24 9.69 -49.21
N SER A 106 -20.88 9.63 -47.92
CA SER A 106 -19.64 10.19 -47.42
C SER A 106 -19.20 9.35 -46.25
N LEU A 107 -17.91 9.41 -45.97
CA LEU A 107 -17.35 8.73 -44.83
C LEU A 107 -18.14 9.09 -43.56
N GLN A 108 -18.58 10.35 -43.47
CA GLN A 108 -19.39 10.79 -42.35
C GLN A 108 -20.65 9.98 -42.25
N TYR A 109 -21.33 9.81 -43.39
CA TYR A 109 -22.55 9.01 -43.44
C TYR A 109 -22.29 7.60 -43.04
N PHE A 110 -21.24 7.03 -43.57
CA PHE A 110 -20.89 5.71 -43.15
C PHE A 110 -20.66 5.58 -41.67
N SER A 111 -20.00 6.56 -41.07
CA SER A 111 -19.77 6.54 -39.61
C SER A 111 -21.07 6.65 -38.84
N ILE A 112 -22.02 7.41 -39.40
CA ILE A 112 -23.35 7.52 -38.79
C ILE A 112 -24.07 6.16 -38.86
N TYR A 113 -24.09 5.58 -40.06
CA TYR A 113 -24.60 4.22 -40.30
C TYR A 113 -24.14 3.25 -39.22
N LEU A 114 -22.84 3.25 -38.97
CA LEU A 114 -22.28 2.28 -38.03
C LEU A 114 -22.70 2.61 -36.59
N GLY A 115 -22.98 3.89 -36.33
CA GLY A 115 -23.64 4.31 -35.10
C GLY A 115 -25.01 3.67 -34.95
N TYR A 116 -25.76 3.57 -36.06
CA TYR A 116 -27.06 2.87 -36.07
C TYR A 116 -26.87 1.40 -35.73
N ILE A 117 -25.93 0.76 -36.43
CA ILE A 117 -25.68 -0.65 -36.20
C ILE A 117 -25.26 -0.90 -34.75
N SER A 118 -24.49 0.02 -34.20
CA SER A 118 -24.04 -0.02 -32.82
C SER A 118 -25.24 -0.11 -31.89
N ILE A 119 -26.23 0.75 -32.14
CA ILE A 119 -27.47 0.76 -31.35
C ILE A 119 -28.27 -0.54 -31.56
N ALA A 120 -28.53 -0.88 -32.83
CA ALA A 120 -29.16 -2.14 -33.21
C ALA A 120 -28.56 -3.36 -32.46
N HIS A 121 -27.24 -3.49 -32.39
CA HIS A 121 -26.63 -4.61 -31.65
C HIS A 121 -26.99 -4.55 -30.16
N HIS A 122 -26.91 -3.36 -29.56
CA HIS A 122 -27.24 -3.14 -28.15
C HIS A 122 -28.69 -3.50 -27.79
N TYR A 123 -29.65 -3.09 -28.63
CA TYR A 123 -31.10 -3.41 -28.41
C TYR A 123 -31.59 -4.64 -29.20
N ASN A 124 -30.66 -5.53 -29.58
CA ASN A 124 -30.97 -6.79 -30.26
C ASN A 124 -31.80 -6.62 -31.56
N ILE A 125 -31.86 -5.40 -32.12
CA ILE A 125 -32.62 -5.11 -33.33
C ILE A 125 -31.93 -5.79 -34.51
N GLU A 126 -32.72 -6.34 -35.40
CA GLU A 126 -32.26 -7.15 -36.51
C GLU A 126 -31.99 -6.22 -37.69
N VAL A 127 -30.80 -6.37 -38.29
CA VAL A 127 -30.35 -5.52 -39.41
C VAL A 127 -29.66 -6.41 -40.42
N PRO A 128 -30.46 -7.19 -41.14
CA PRO A 128 -29.86 -8.22 -42.01
C PRO A 128 -28.95 -7.58 -43.06
N THR A 129 -29.37 -6.40 -43.52
CA THR A 129 -28.65 -5.61 -44.52
C THR A 129 -27.19 -5.52 -44.21
N PHE A 130 -26.91 -5.20 -42.95
CA PHE A 130 -25.55 -5.07 -42.45
C PHE A 130 -24.68 -6.22 -42.88
N ASN A 131 -25.02 -7.43 -42.42
CA ASN A 131 -24.22 -8.61 -42.70
C ASN A 131 -24.04 -8.90 -44.16
N LYS A 132 -25.03 -8.57 -44.96
CA LYS A 132 -24.82 -8.70 -46.38
C LYS A 132 -23.78 -7.69 -46.88
N THR A 133 -23.95 -6.44 -46.47
CA THR A 133 -23.28 -5.35 -47.14
C THR A 133 -21.84 -5.08 -46.64
N ILE A 134 -21.62 -5.09 -45.32
CA ILE A 134 -20.32 -4.61 -44.78
C ILE A 134 -19.10 -4.98 -45.54
N THR A 135 -18.91 -6.26 -45.79
CA THR A 135 -17.62 -6.64 -46.37
C THR A 135 -17.42 -5.90 -47.68
N SER A 136 -18.48 -5.86 -48.49
CA SER A 136 -18.50 -5.09 -49.76
C SER A 136 -18.36 -3.57 -49.57
N ASP A 137 -19.02 -3.04 -48.52
CA ASP A 137 -18.93 -1.61 -48.16
C ASP A 137 -17.46 -1.25 -47.92
N LEU A 138 -16.83 -1.97 -46.98
CA LEU A 138 -15.44 -1.71 -46.57
C LEU A 138 -14.54 -1.85 -47.74
N LYS A 139 -14.81 -2.87 -48.54
CA LYS A 139 -14.08 -3.03 -49.78
C LYS A 139 -14.17 -1.73 -50.61
N HIS A 140 -15.40 -1.28 -50.84
CA HIS A 140 -15.60 -0.06 -51.65
C HIS A 140 -14.85 1.16 -51.08
N LEU A 141 -14.92 1.28 -49.76
CA LEU A 141 -14.42 2.46 -49.10
C LEU A 141 -12.90 2.44 -49.00
N TYR A 142 -12.29 1.27 -48.75
CA TYR A 142 -10.88 1.24 -48.36
C TYR A 142 -9.92 0.55 -49.30
N ASP A 143 -10.42 -0.21 -50.27
CA ASP A 143 -9.50 -1.06 -51.08
C ASP A 143 -8.41 -0.27 -51.82
N LYS A 144 -8.72 0.92 -52.33
CA LYS A 144 -7.70 1.69 -53.03
C LYS A 144 -7.41 3.01 -52.33
N ARG A 145 -7.30 2.95 -51.00
CA ARG A 145 -7.06 4.13 -50.21
C ARG A 145 -5.61 4.21 -49.85
N THR A 146 -5.03 5.39 -49.83
CA THR A 146 -3.65 5.52 -49.42
C THR A 146 -3.41 6.61 -48.33
N THR A 147 -4.24 7.65 -48.25
CA THR A 147 -4.22 8.56 -47.11
C THR A 147 -5.50 8.40 -46.34
N PHE A 148 -5.44 8.66 -45.04
CA PHE A 148 -6.62 8.56 -44.15
C PHE A 148 -6.73 9.76 -43.23
N PHE A 149 -7.95 10.05 -42.87
CA PHE A 149 -8.31 11.28 -42.23
C PHE A 149 -8.94 10.86 -40.94
N GLY A 150 -9.10 11.82 -40.04
CA GLY A 150 -9.71 11.54 -38.76
C GLY A 150 -10.97 10.71 -38.89
N ILE A 151 -11.83 11.09 -39.86
CA ILE A 151 -13.09 10.36 -40.09
C ILE A 151 -12.90 8.85 -40.31
N ASP A 152 -11.83 8.46 -40.99
CA ASP A 152 -11.57 7.02 -41.10
C ASP A 152 -11.27 6.37 -39.74
N CYS A 153 -10.56 7.04 -38.84
CA CYS A 153 -10.26 6.47 -37.52
C CYS A 153 -11.50 6.40 -36.69
N GLU A 154 -12.34 7.40 -36.88
CA GLU A 154 -13.64 7.39 -36.23
C GLU A 154 -14.42 6.18 -36.71
N ILE A 155 -14.38 5.97 -38.03
CA ILE A 155 -15.06 4.85 -38.65
C ILE A 155 -14.55 3.55 -38.06
N VAL A 156 -13.24 3.43 -37.96
CA VAL A 156 -12.62 2.21 -37.47
C VAL A 156 -12.99 1.92 -36.00
N SER A 157 -13.04 2.94 -35.15
CA SER A 157 -13.49 2.73 -33.78
C SER A 157 -14.90 2.16 -33.81
N ASN A 158 -15.72 2.71 -34.70
CA ASN A 158 -17.08 2.23 -34.88
C ASN A 158 -17.16 0.78 -35.30
N LEU A 159 -16.37 0.44 -36.32
CA LEU A 159 -16.25 -0.93 -36.80
C LEU A 159 -15.82 -1.86 -35.66
N LEU A 160 -14.79 -1.47 -34.92
CA LEU A 160 -14.30 -2.28 -33.81
C LEU A 160 -15.40 -2.66 -32.85
N ASN A 161 -16.40 -1.78 -32.78
CA ASN A 161 -17.49 -1.88 -31.80
C ASN A 161 -18.66 -2.77 -32.33
N VAL A 162 -18.66 -3.09 -33.63
CA VAL A 162 -19.75 -3.89 -34.23
C VAL A 162 -19.29 -5.06 -35.11
N LEU A 163 -18.00 -5.38 -35.05
CA LEU A 163 -17.45 -6.41 -35.90
C LEU A 163 -16.36 -7.13 -35.16
N PRO A 164 -16.03 -8.35 -35.63
CA PRO A 164 -14.93 -9.07 -35.01
C PRO A 164 -13.65 -8.35 -35.35
N TYR A 165 -12.70 -8.38 -34.41
CA TYR A 165 -11.44 -7.68 -34.57
C TYR A 165 -10.73 -8.01 -35.91
N GLU A 166 -10.83 -9.26 -36.35
CA GLU A 166 -10.08 -9.71 -37.54
C GLU A 166 -10.65 -9.15 -38.83
N GLU A 167 -11.97 -8.95 -38.85
CA GLU A 167 -12.57 -8.26 -40.01
C GLU A 167 -12.22 -6.75 -40.05
N VAL A 168 -11.69 -6.20 -38.96
CA VAL A 168 -11.31 -4.80 -38.92
C VAL A 168 -9.80 -4.57 -39.10
N SER A 169 -8.97 -5.49 -38.59
CA SER A 169 -7.56 -5.18 -38.39
C SER A 169 -6.82 -4.77 -39.65
N SER A 170 -7.14 -5.45 -40.74
CA SER A 170 -6.62 -5.14 -42.07
C SER A 170 -6.83 -3.67 -42.47
N ILE A 171 -8.00 -3.12 -42.14
CA ILE A 171 -8.32 -1.70 -42.39
C ILE A 171 -7.52 -0.75 -41.48
N ILE A 172 -7.23 -1.17 -40.24
CA ILE A 172 -6.50 -0.32 -39.29
C ILE A 172 -5.04 -0.13 -39.62
N LYS A 173 -4.34 -1.24 -39.80
CA LYS A 173 -2.87 -1.25 -39.93
C LYS A 173 -2.27 -0.23 -40.91
N PRO A 174 -2.89 -0.02 -42.09
CA PRO A 174 -2.38 1.01 -43.05
C PRO A 174 -2.50 2.49 -42.65
N MET A 175 -3.24 2.78 -41.58
CA MET A 175 -3.41 4.17 -41.16
C MET A 175 -2.44 4.57 -40.10
N TYR A 176 -1.70 3.60 -39.56
CA TYR A 176 -0.71 3.86 -38.54
C TYR A 176 0.64 3.41 -39.10
N PRO A 177 1.73 4.05 -38.67
CA PRO A 177 1.75 5.03 -37.60
C PRO A 177 1.35 6.38 -38.13
N ILE A 178 0.95 7.23 -37.21
CA ILE A 178 0.63 8.62 -37.49
C ILE A 178 1.89 9.42 -37.37
N VAL A 179 2.02 10.45 -38.22
CA VAL A 179 3.19 11.32 -38.21
C VAL A 179 2.90 12.79 -38.07
N ASP A 180 1.63 13.19 -38.07
CA ASP A 180 1.26 14.61 -37.86
C ASP A 180 0.03 14.71 -37.01
N SER A 181 0.01 15.77 -36.22
CA SER A 181 -1.23 16.22 -35.62
C SER A 181 -1.91 17.20 -36.57
N PHE A 182 -3.23 17.08 -36.67
CA PHE A 182 -4.05 18.05 -37.40
C PHE A 182 -5.12 18.65 -36.51
N GLY A 183 -4.71 19.07 -35.31
CA GLY A 183 -5.57 19.70 -34.34
C GLY A 183 -6.01 18.73 -33.26
N LYS A 184 -6.44 19.26 -32.13
CA LYS A 184 -6.79 18.42 -30.99
C LYS A 184 -7.93 17.50 -31.34
N ASP A 185 -8.87 17.96 -32.17
CA ASP A 185 -9.99 17.11 -32.64
C ASP A 185 -9.47 15.84 -33.33
N TYR A 186 -8.62 16.02 -34.34
CA TYR A 186 -7.99 14.92 -35.02
C TYR A 186 -7.22 14.04 -34.04
N ASP A 187 -6.41 14.68 -33.18
CA ASP A 187 -5.54 14.01 -32.24
C ASP A 187 -6.33 13.04 -31.42
N LEU A 188 -7.49 13.46 -30.99
CA LEU A 188 -8.27 12.61 -30.12
C LEU A 188 -8.81 11.42 -30.87
N THR A 189 -9.19 11.63 -32.11
CA THR A 189 -9.78 10.55 -32.87
C THR A 189 -8.79 9.40 -33.07
N ILE A 190 -7.62 9.75 -33.62
CA ILE A 190 -6.56 8.76 -33.80
C ILE A 190 -6.20 8.00 -32.48
N GLN A 191 -6.35 8.63 -31.33
CA GLN A 191 -6.07 7.96 -30.09
C GLN A 191 -7.18 7.01 -29.73
N THR A 192 -8.41 7.43 -29.95
CA THR A 192 -9.54 6.56 -29.54
C THR A 192 -9.46 5.17 -30.14
N VAL A 193 -9.09 5.09 -31.43
CA VAL A 193 -8.90 3.81 -32.10
C VAL A 193 -7.84 2.92 -31.43
N LEU A 194 -6.71 3.51 -31.06
CA LEU A 194 -5.68 2.77 -30.34
C LEU A 194 -6.19 2.24 -29.03
N LYS A 195 -6.88 3.07 -28.30
CA LYS A 195 -7.32 2.68 -27.02
C LYS A 195 -8.31 1.53 -27.11
N ASN A 196 -9.25 1.60 -28.03
CA ASN A 196 -10.26 0.53 -28.14
C ASN A 196 -9.69 -0.78 -28.65
N ALA A 197 -8.82 -0.65 -29.65
CA ALA A 197 -8.12 -1.79 -30.23
C ALA A 197 -7.29 -2.49 -29.17
N LEU A 198 -6.53 -1.69 -28.39
CA LEU A 198 -5.75 -2.23 -27.29
C LEU A 198 -6.63 -3.00 -26.29
N THR A 199 -7.75 -2.39 -25.91
CA THR A 199 -8.60 -3.06 -24.97
C THR A 199 -8.98 -4.41 -25.51
N ILE A 200 -9.44 -4.43 -26.75
CA ILE A 200 -9.88 -5.69 -27.37
C ILE A 200 -8.77 -6.73 -27.45
N SER A 201 -7.58 -6.33 -27.91
CA SER A 201 -6.44 -7.25 -28.02
C SER A 201 -6.17 -7.88 -26.64
N ILE A 202 -6.10 -7.04 -25.60
CA ILE A 202 -5.90 -7.50 -24.23
C ILE A 202 -6.99 -8.47 -23.87
N MET A 203 -8.24 -8.10 -24.09
CA MET A 203 -9.36 -8.96 -23.71
C MET A 203 -9.37 -10.31 -24.43
N ASN A 204 -8.79 -10.33 -25.63
CA ASN A 204 -8.69 -11.53 -26.43
C ASN A 204 -7.41 -12.29 -26.10
N ARG A 205 -6.62 -11.74 -25.19
CA ARG A 205 -5.30 -12.24 -24.89
C ARG A 205 -4.35 -12.26 -26.12
N ASN A 206 -4.64 -11.45 -27.13
CA ASN A 206 -3.76 -11.31 -28.29
C ASN A 206 -2.62 -10.33 -27.99
N LEU A 207 -1.55 -10.85 -27.44
CA LEU A 207 -0.49 -9.99 -26.94
C LEU A 207 0.35 -9.39 -28.03
N LYS A 208 0.33 -9.99 -29.23
CA LYS A 208 1.11 -9.41 -30.34
C LYS A 208 0.46 -8.10 -30.80
N GLU A 209 -0.84 -8.16 -31.05
CA GLU A 209 -1.62 -7.00 -31.44
C GLU A 209 -1.64 -5.97 -30.31
N ALA A 210 -1.80 -6.46 -29.09
CA ALA A 210 -1.72 -5.61 -27.93
C ALA A 210 -0.44 -4.78 -27.97
N GLN A 211 0.69 -5.45 -28.09
CA GLN A 211 1.96 -4.75 -28.14
C GLN A 211 1.99 -3.69 -29.23
N TYR A 212 1.39 -4.00 -30.34
CA TYR A 212 1.38 -3.13 -31.50
C TYR A 212 0.68 -1.83 -31.16
N TYR A 213 -0.51 -1.98 -30.60
CA TYR A 213 -1.31 -0.83 -30.22
C TYR A 213 -0.59 0.02 -29.18
N ILE A 214 0.06 -0.63 -28.20
CA ILE A 214 0.86 0.06 -27.21
C ILE A 214 1.96 0.89 -27.87
N ASN A 215 2.61 0.33 -28.87
CA ASN A 215 3.67 1.05 -29.53
C ASN A 215 3.17 2.21 -30.33
N GLN A 216 2.09 1.98 -31.04
CA GLN A 216 1.48 3.00 -31.84
C GLN A 216 1.08 4.18 -31.00
N PHE A 217 0.60 3.92 -29.78
CA PHE A 217 0.23 4.98 -28.88
C PHE A 217 1.47 5.69 -28.42
N GLU A 218 2.47 4.94 -27.98
CA GLU A 218 3.71 5.54 -27.50
C GLU A 218 4.39 6.41 -28.56
N HIS A 219 4.16 5.99 -29.78
CA HIS A 219 4.69 6.62 -30.92
C HIS A 219 4.05 7.98 -31.11
N LEU A 220 2.75 8.05 -30.83
CA LEU A 220 2.05 9.32 -30.92
C LEU A 220 2.70 10.37 -30.04
N LYS A 221 3.18 9.95 -28.88
CA LYS A 221 3.72 10.85 -27.92
C LYS A 221 4.93 11.61 -28.48
N THR A 222 5.58 11.06 -29.51
CA THR A 222 6.73 11.67 -30.13
C THR A 222 6.35 12.70 -31.18
N ILE A 223 5.08 12.74 -31.57
CA ILE A 223 4.62 13.70 -32.60
C ILE A 223 4.56 15.17 -32.12
N LYS A 224 5.01 16.04 -33.03
CA LYS A 224 5.18 17.46 -32.77
C LYS A 224 3.80 18.09 -32.59
N ASN A 225 3.58 18.80 -31.48
CA ASN A 225 2.28 19.42 -31.20
C ASN A 225 1.15 18.42 -31.05
N ILE A 226 1.48 17.15 -30.87
CA ILE A 226 0.44 16.16 -30.61
C ILE A 226 -0.17 16.50 -29.28
N SER A 227 -1.36 16.01 -29.04
CA SER A 227 -2.07 16.39 -27.88
C SER A 227 -2.67 15.16 -27.21
N ILE A 228 -1.89 14.56 -26.32
CA ILE A 228 -2.36 13.29 -25.76
C ILE A 228 -3.50 13.51 -24.75
N ASN A 229 -4.53 12.70 -24.89
CA ASN A 229 -5.57 12.63 -23.89
C ASN A 229 -5.02 11.94 -22.64
N GLY A 230 -4.98 12.64 -21.52
CA GLY A 230 -4.49 12.08 -20.27
C GLY A 230 -5.34 10.96 -19.70
N TYR A 231 -6.66 10.99 -19.88
CA TYR A 231 -7.50 9.87 -19.40
C TYR A 231 -7.16 8.61 -20.21
N TYR A 232 -6.99 8.79 -21.50
CA TYR A 232 -6.47 7.76 -22.34
C TYR A 232 -5.06 7.30 -21.90
N ASP A 233 -4.15 8.24 -21.59
CA ASP A 233 -2.75 7.87 -21.22
C ASP A 233 -2.89 6.95 -20.02
N LEU A 234 -3.75 7.30 -19.10
CA LEU A 234 -3.96 6.51 -17.90
C LEU A 234 -4.43 5.12 -18.19
N GLU A 235 -5.47 5.04 -19.01
CA GLU A 235 -6.17 3.80 -19.23
C GLU A 235 -5.36 2.83 -20.08
N ILE A 236 -4.73 3.35 -21.09
CA ILE A 236 -3.80 2.62 -21.86
C ILE A 236 -2.67 2.18 -20.96
N ASN A 237 -2.27 3.02 -20.01
CA ASN A 237 -1.20 2.62 -19.09
C ASN A 237 -1.63 1.45 -18.19
N TYR A 238 -2.89 1.47 -17.80
CA TYR A 238 -3.46 0.37 -17.11
C TYR A 238 -3.45 -0.90 -17.93
N LEU A 239 -3.69 -0.78 -19.23
CA LEU A 239 -3.62 -1.92 -20.12
C LEU A 239 -2.19 -2.43 -20.32
N LYS A 240 -1.23 -1.53 -20.41
CA LYS A 240 0.18 -1.88 -20.53
C LYS A 240 0.59 -2.69 -19.31
N GLN A 241 -0.05 -2.31 -18.22
CA GLN A 241 0.18 -2.91 -16.94
C GLN A 241 -0.36 -4.34 -16.94
N ILE A 242 -1.59 -4.55 -17.42
CA ILE A 242 -2.14 -5.89 -17.54
C ILE A 242 -1.34 -6.68 -18.57
N TYR A 243 -0.83 -6.05 -19.61
CA TYR A 243 -0.07 -6.75 -20.64
C TYR A 243 1.17 -7.39 -20.05
N GLN A 244 1.90 -6.62 -19.25
CA GLN A 244 3.11 -7.12 -18.57
C GLN A 244 2.78 -8.21 -17.60
N PHE A 245 1.58 -8.17 -17.03
CA PHE A 245 1.14 -9.27 -16.20
C PHE A 245 0.76 -10.53 -17.01
N LEU A 246 0.12 -10.38 -18.17
CA LEU A 246 -0.21 -11.53 -18.97
C LEU A 246 1.07 -12.13 -19.54
N THR A 247 2.03 -11.32 -19.92
CA THR A 247 3.23 -11.87 -20.47
C THR A 247 4.07 -12.56 -19.39
N ASP A 248 4.12 -12.04 -18.16
CA ASP A 248 5.09 -12.53 -17.13
C ASP A 248 4.49 -12.83 -15.78
N LYS A 249 3.21 -13.22 -15.78
CA LYS A 249 2.36 -13.21 -14.60
C LYS A 249 3.12 -12.59 -13.41
N ASN A 250 3.26 -11.24 -13.38
CA ASN A 250 4.08 -10.55 -12.35
C ASN A 250 3.26 -9.52 -11.52
N ILE A 251 3.44 -9.60 -10.24
CA ILE A 251 2.45 -9.18 -9.27
C ILE A 251 2.38 -7.65 -9.18
N ASP A 252 3.52 -6.99 -9.32
CA ASP A 252 3.53 -5.54 -9.32
C ASP A 252 2.74 -4.97 -10.44
N SER A 253 2.87 -5.57 -11.62
CA SER A 253 2.07 -5.14 -12.75
C SER A 253 0.60 -5.26 -12.40
N TYR A 254 0.19 -6.36 -11.78
CA TYR A 254 -1.19 -6.52 -11.38
C TYR A 254 -1.60 -5.38 -10.42
N LEU A 255 -0.79 -5.18 -9.37
CA LEU A 255 -1.04 -4.15 -8.37
C LEU A 255 -1.19 -2.79 -8.97
N ASN A 256 -0.28 -2.45 -9.89
CA ASN A 256 -0.30 -1.19 -10.61
C ASN A 256 -1.60 -1.01 -11.36
N ALA A 257 -2.00 -2.04 -12.08
CA ALA A 257 -3.26 -2.02 -12.81
C ALA A 257 -4.41 -1.67 -11.86
N VAL A 258 -4.43 -2.32 -10.71
CA VAL A 258 -5.48 -2.08 -9.73
C VAL A 258 -5.40 -0.64 -9.24
N ASN A 259 -4.19 -0.19 -8.99
CA ASN A 259 -3.99 1.12 -8.48
C ASN A 259 -4.54 2.15 -9.46
N ILE A 260 -4.32 1.96 -10.75
CA ILE A 260 -4.81 2.89 -11.75
C ILE A 260 -6.34 2.89 -11.78
N ILE A 261 -6.91 1.69 -11.68
CA ILE A 261 -8.38 1.56 -11.65
C ILE A 261 -8.95 2.41 -10.52
N ASN A 262 -8.29 2.32 -9.40
CA ASN A 262 -8.74 3.04 -8.25
C ASN A 262 -8.60 4.54 -8.43
N ILE A 263 -7.58 4.97 -9.15
CA ILE A 263 -7.36 6.38 -9.30
C ILE A 263 -8.48 7.02 -10.15
N PHE A 264 -8.97 6.31 -11.15
CA PHE A 264 -10.16 6.77 -11.87
C PHE A 264 -11.31 7.02 -10.89
N LYS A 265 -11.56 6.06 -9.98
CA LYS A 265 -12.63 6.27 -8.97
C LYS A 265 -12.36 7.52 -8.17
N ILE A 266 -11.14 7.63 -7.65
CA ILE A 266 -10.79 8.80 -6.84
C ILE A 266 -11.01 10.13 -7.56
N ILE A 267 -10.83 10.21 -8.87
CA ILE A 267 -11.00 11.51 -9.53
C ILE A 267 -12.36 11.58 -10.19
N GLY A 268 -13.22 10.64 -9.84
CA GLY A 268 -14.62 10.78 -10.13
C GLY A 268 -15.00 10.30 -11.49
N LYS A 269 -14.15 9.52 -12.16
CA LYS A 269 -14.47 9.06 -13.50
C LYS A 269 -15.07 7.65 -13.46
N GLU A 270 -16.31 7.59 -12.98
CA GLU A 270 -16.98 6.35 -12.62
C GLU A 270 -17.31 5.51 -13.84
N ASP A 271 -17.69 6.18 -14.92
CA ASP A 271 -17.75 5.57 -16.25
C ASP A 271 -16.58 4.60 -16.44
N ILE A 272 -15.38 5.14 -16.37
CA ILE A 272 -14.18 4.39 -16.72
C ILE A 272 -13.92 3.34 -15.62
N HIS A 273 -14.05 3.80 -14.38
CA HIS A 273 -13.89 2.93 -13.26
C HIS A 273 -14.66 1.66 -13.42
N ARG A 274 -15.93 1.78 -13.81
CA ARG A 274 -16.78 0.62 -13.98
C ARG A 274 -16.25 -0.34 -15.04
N SER A 275 -15.83 0.21 -16.17
CA SER A 275 -15.43 -0.63 -17.29
C SER A 275 -14.15 -1.36 -16.93
N LEU A 276 -13.25 -0.66 -16.23
CA LEU A 276 -11.97 -1.25 -15.93
C LEU A 276 -12.08 -2.30 -14.83
N VAL A 277 -12.96 -2.01 -13.88
CA VAL A 277 -13.34 -2.97 -12.86
C VAL A 277 -13.88 -4.26 -13.49
N GLU A 278 -14.80 -4.11 -14.44
CA GLU A 278 -15.31 -5.25 -15.19
C GLU A 278 -14.19 -6.01 -15.97
N GLU A 279 -13.42 -5.28 -16.76
CA GLU A 279 -12.37 -5.90 -17.54
C GLU A 279 -11.49 -6.72 -16.61
N LEU A 280 -11.02 -6.07 -15.55
CA LEU A 280 -10.05 -6.68 -14.66
C LEU A 280 -10.61 -8.00 -14.14
N THR A 281 -11.88 -7.98 -13.75
CA THR A 281 -12.49 -9.21 -13.20
C THR A 281 -12.48 -10.33 -14.24
N LYS A 282 -12.79 -9.99 -15.50
CA LYS A 282 -12.83 -10.95 -16.58
C LYS A 282 -11.45 -11.52 -16.86
N ILE A 283 -10.48 -10.64 -17.05
CA ILE A 283 -9.11 -11.03 -17.34
C ILE A 283 -8.54 -11.88 -16.20
N SER A 284 -8.95 -11.60 -14.97
CA SER A 284 -8.50 -12.38 -13.83
C SER A 284 -9.13 -13.78 -13.86
N ALA A 285 -10.46 -13.82 -14.03
CA ALA A 285 -11.16 -15.06 -14.21
C ALA A 285 -10.43 -15.92 -15.24
N LYS A 286 -10.16 -15.32 -16.40
CA LYS A 286 -9.43 -15.99 -17.51
C LYS A 286 -8.13 -16.61 -17.02
N GLU A 287 -7.36 -15.85 -16.23
CA GLU A 287 -6.08 -16.35 -15.70
C GLU A 287 -6.24 -17.12 -14.41
N LYS A 288 -7.45 -17.56 -14.09
CA LYS A 288 -7.72 -18.44 -12.92
C LYS A 288 -7.18 -17.74 -11.63
N PHE A 289 -7.96 -16.75 -11.19
CA PHE A 289 -7.44 -15.68 -10.38
C PHE A 289 -8.51 -14.73 -9.86
N THR A 290 -8.39 -14.36 -8.59
CA THR A 290 -9.40 -13.53 -7.96
C THR A 290 -8.84 -12.19 -7.73
N PRO A 291 -9.53 -11.18 -8.26
CA PRO A 291 -9.04 -9.86 -7.96
C PRO A 291 -9.27 -9.50 -6.52
N PRO A 292 -8.63 -8.44 -6.06
CA PRO A 292 -8.83 -7.98 -4.74
C PRO A 292 -10.28 -7.79 -4.44
N LYS A 293 -10.68 -8.11 -3.21
CA LYS A 293 -12.07 -8.05 -2.74
C LYS A 293 -12.63 -6.64 -2.93
N GLU A 294 -11.75 -5.66 -2.71
CA GLU A 294 -11.98 -4.28 -3.08
C GLU A 294 -12.71 -4.12 -4.44
N VAL A 295 -12.19 -4.75 -5.49
CA VAL A 295 -12.70 -4.50 -6.84
C VAL A 295 -13.85 -5.42 -7.18
N THR A 296 -13.91 -6.63 -6.63
CA THR A 296 -15.07 -7.49 -6.91
C THR A 296 -16.28 -6.99 -6.12
N MET A 297 -15.95 -6.26 -5.08
CA MET A 297 -16.87 -5.41 -4.38
C MET A 297 -17.53 -4.48 -5.36
N TYR A 298 -16.83 -3.43 -5.82
CA TYR A 298 -17.43 -2.49 -6.76
C TYR A 298 -18.10 -3.23 -7.89
N TYR A 299 -17.39 -4.20 -8.47
CA TYR A 299 -17.88 -4.96 -9.63
C TYR A 299 -19.33 -5.38 -9.44
N GLU A 300 -19.55 -6.19 -8.40
CA GLU A 300 -20.86 -6.78 -8.19
C GLU A 300 -21.97 -5.73 -7.91
N ASN A 301 -21.60 -4.55 -7.40
CA ASN A 301 -22.57 -3.46 -7.14
C ASN A 301 -22.88 -2.57 -8.35
N TYR A 302 -21.90 -2.39 -9.25
CA TYR A 302 -22.12 -1.63 -10.48
C TYR A 302 -23.20 -2.38 -11.26
N VAL A 303 -22.82 -3.55 -11.79
CA VAL A 303 -23.80 -4.47 -12.36
C VAL A 303 -24.99 -4.58 -11.38
N PHE B 2 -3.76 28.82 -45.97
CA PHE B 2 -3.39 29.18 -47.37
C PHE B 2 -3.85 28.12 -48.38
N LYS B 3 -3.23 26.94 -48.45
CA LYS B 3 -3.40 26.04 -49.63
C LYS B 3 -4.61 25.10 -49.53
N ILE B 4 -5.78 25.66 -49.28
CA ILE B 4 -6.93 24.87 -48.95
C ILE B 4 -7.39 24.11 -50.16
N GLY B 5 -7.28 24.75 -51.31
CA GLY B 5 -7.67 24.18 -52.58
C GLY B 5 -7.02 22.90 -52.96
N SER B 6 -5.70 22.84 -52.79
CA SER B 6 -4.98 21.57 -53.05
C SER B 6 -5.31 20.44 -52.03
N VAL B 7 -5.65 20.82 -50.81
CA VAL B 7 -6.09 19.84 -49.83
C VAL B 7 -7.50 19.27 -50.23
N LEU B 8 -8.36 20.16 -50.70
CA LEU B 8 -9.64 19.77 -51.19
C LEU B 8 -9.45 18.79 -52.27
N LYS B 9 -8.60 19.12 -53.23
CA LYS B 9 -8.30 18.22 -54.33
C LYS B 9 -7.81 16.84 -53.87
N GLN B 10 -6.74 16.87 -53.06
CA GLN B 10 -6.11 15.69 -52.54
C GLN B 10 -7.17 14.79 -51.90
N ILE B 11 -8.04 15.37 -51.07
CA ILE B 11 -9.02 14.60 -50.34
C ILE B 11 -10.10 14.09 -51.28
N ARG B 12 -10.43 14.92 -52.27
CA ARG B 12 -11.42 14.63 -53.30
C ARG B 12 -11.05 13.35 -54.03
N GLN B 13 -9.87 13.40 -54.62
CA GLN B 13 -9.33 12.32 -55.41
C GLN B 13 -9.19 11.08 -54.56
N GLU B 14 -8.68 11.26 -53.36
CA GLU B 14 -8.48 10.14 -52.47
C GLU B 14 -9.80 9.35 -52.28
N LEU B 15 -10.91 10.08 -52.21
CA LEU B 15 -12.22 9.49 -51.96
C LEU B 15 -12.95 9.07 -53.24
N ASN B 16 -12.31 9.39 -54.37
CA ASN B 16 -12.82 9.21 -55.74
C ASN B 16 -14.16 9.88 -55.87
N TYR B 17 -14.15 11.17 -55.55
CA TYR B 17 -15.23 12.07 -55.88
C TYR B 17 -14.75 12.79 -57.13
N HIS B 18 -15.73 13.25 -57.91
CA HIS B 18 -15.45 14.11 -59.04
C HIS B 18 -15.80 15.52 -58.66
N GLN B 19 -15.20 16.47 -59.37
CA GLN B 19 -15.41 17.88 -59.07
C GLN B 19 -16.90 18.23 -58.85
N ILE B 20 -17.75 17.68 -59.70
CA ILE B 20 -19.20 17.93 -59.70
C ILE B 20 -19.85 17.56 -58.35
N ASP B 21 -19.33 16.51 -57.73
CA ASP B 21 -19.78 16.03 -56.44
C ASP B 21 -19.56 17.13 -55.36
N LEU B 22 -18.48 17.90 -55.50
CA LEU B 22 -18.19 19.00 -54.58
C LEU B 22 -18.98 20.26 -54.90
N TYR B 23 -18.80 20.76 -56.14
CA TYR B 23 -19.25 22.10 -56.51
C TYR B 23 -20.74 22.26 -56.84
N SER B 24 -21.44 21.20 -57.17
CA SER B 24 -22.79 21.36 -57.70
C SER B 24 -23.76 21.91 -56.66
N GLY B 25 -24.37 23.06 -56.95
CA GLY B 25 -25.27 23.71 -56.01
C GLY B 25 -24.49 24.51 -55.01
N ILE B 26 -23.23 24.79 -55.33
CA ILE B 26 -22.34 25.56 -54.50
C ILE B 26 -21.67 26.63 -55.35
N MET B 27 -21.14 26.22 -56.48
CA MET B 27 -20.55 27.17 -57.39
C MET B 27 -20.39 26.56 -58.79
N SER B 28 -20.10 27.42 -59.78
CA SER B 28 -19.85 26.94 -61.14
C SER B 28 -18.62 26.04 -61.22
N LYS B 29 -18.62 25.15 -62.21
CA LYS B 29 -17.47 24.28 -62.48
C LYS B 29 -16.18 25.09 -62.64
N SER B 30 -16.25 26.18 -63.40
CA SER B 30 -15.07 26.99 -63.67
C SER B 30 -14.51 27.62 -62.42
N VAL B 31 -15.40 28.17 -61.58
CA VAL B 31 -15.03 28.87 -60.36
C VAL B 31 -14.41 27.88 -59.37
N TYR B 32 -15.05 26.70 -59.20
CA TYR B 32 -14.46 25.63 -58.42
C TYR B 32 -13.05 25.32 -58.84
N ILE B 33 -12.81 25.23 -60.13
CA ILE B 33 -11.48 24.92 -60.62
C ILE B 33 -10.46 25.94 -60.18
N LYS B 34 -10.87 27.19 -60.06
CA LYS B 34 -10.01 28.25 -59.55
C LYS B 34 -9.78 28.12 -58.04
N VAL B 35 -10.83 27.73 -57.32
CA VAL B 35 -10.72 27.48 -55.89
C VAL B 35 -9.70 26.41 -55.65
N GLU B 36 -9.87 25.29 -56.35
CA GLU B 36 -9.04 24.10 -56.21
C GLU B 36 -7.62 24.37 -56.64
N ALA B 37 -7.46 25.29 -57.59
CA ALA B 37 -6.15 25.75 -58.00
C ALA B 37 -5.51 26.72 -57.00
N ASP B 38 -6.21 27.07 -55.93
CA ASP B 38 -5.76 28.06 -54.96
C ASP B 38 -5.63 29.44 -55.55
N SER B 39 -6.29 29.68 -56.68
CA SER B 39 -6.25 31.01 -57.33
C SER B 39 -7.42 31.90 -56.90
N ARG B 40 -8.53 31.29 -56.52
CA ARG B 40 -9.62 32.02 -55.93
C ARG B 40 -9.63 31.69 -54.43
N PRO B 41 -9.89 32.70 -53.58
CA PRO B 41 -10.05 32.43 -52.16
C PRO B 41 -11.39 31.78 -51.87
N ILE B 42 -11.51 31.18 -50.70
CA ILE B 42 -12.65 30.37 -50.41
C ILE B 42 -13.31 30.87 -49.13
N SER B 43 -14.63 31.02 -49.15
CA SER B 43 -15.33 31.50 -48.01
C SER B 43 -15.45 30.37 -47.02
N VAL B 44 -15.44 30.73 -45.74
CA VAL B 44 -15.65 29.79 -44.69
C VAL B 44 -16.84 28.93 -45.02
N GLU B 45 -17.89 29.57 -45.50
CA GLU B 45 -19.15 28.90 -45.77
C GLU B 45 -19.02 27.88 -46.87
N GLU B 46 -18.36 28.22 -47.96
CA GLU B 46 -18.09 27.24 -49.05
C GLU B 46 -17.27 26.03 -48.60
N LEU B 47 -16.18 26.31 -47.86
CA LEU B 47 -15.32 25.27 -47.35
C LEU B 47 -16.08 24.36 -46.40
N SER B 48 -16.93 24.93 -45.55
CA SER B 48 -17.69 24.13 -44.64
C SER B 48 -18.56 23.16 -45.43
N LYS B 49 -19.16 23.68 -46.50
CA LYS B 49 -20.02 22.90 -47.33
C LYS B 49 -19.25 21.73 -47.88
N PHE B 50 -18.14 22.04 -48.53
CA PHE B 50 -17.27 21.02 -49.14
C PHE B 50 -16.81 19.96 -48.14
N SER B 51 -16.45 20.40 -46.94
CA SER B 51 -16.12 19.49 -45.87
C SER B 51 -17.23 18.49 -45.68
N GLU B 52 -18.49 18.95 -45.59
CA GLU B 52 -19.66 18.02 -45.48
C GLU B 52 -19.67 16.93 -46.58
N ARG B 53 -19.31 17.39 -47.78
CA ARG B 53 -19.40 16.60 -48.99
C ARG B 53 -18.40 15.49 -48.97
N LEU B 54 -17.17 15.82 -48.59
CA LEU B 54 -16.04 14.86 -48.53
C LEU B 54 -16.19 13.87 -47.37
N GLY B 55 -16.73 14.39 -46.27
CA GLY B 55 -16.98 13.61 -45.09
C GLY B 55 -15.86 13.78 -44.09
N VAL B 56 -14.87 14.61 -44.41
CA VAL B 56 -13.79 14.83 -43.46
C VAL B 56 -13.96 16.20 -42.84
N ASN B 57 -13.51 16.31 -41.61
CA ASN B 57 -13.96 17.38 -40.69
C ASN B 57 -13.37 18.70 -41.04
N PHE B 58 -14.20 19.74 -40.94
CA PHE B 58 -13.82 21.09 -41.35
C PHE B 58 -12.46 21.51 -40.78
N PHE B 59 -12.28 21.30 -39.47
CA PHE B 59 -11.07 21.71 -38.80
C PHE B 59 -9.87 20.94 -39.23
N GLU B 60 -10.04 19.63 -39.46
CA GLU B 60 -8.95 18.83 -39.94
C GLU B 60 -8.47 19.36 -41.27
N ILE B 61 -9.41 19.75 -42.13
CA ILE B 61 -9.02 20.24 -43.46
C ILE B 61 -8.22 21.51 -43.30
N LEU B 62 -8.72 22.45 -42.49
CA LEU B 62 -7.99 23.70 -42.24
C LEU B 62 -6.59 23.48 -41.70
N ASN B 63 -6.44 22.46 -40.88
CA ASN B 63 -5.17 22.10 -40.33
C ASN B 63 -4.25 21.39 -41.32
N ARG B 64 -4.80 20.60 -42.21
CA ARG B 64 -4.01 20.05 -43.30
C ARG B 64 -3.60 21.13 -44.27
N ALA B 65 -4.42 22.17 -44.37
CA ALA B 65 -4.14 23.26 -45.23
C ALA B 65 -3.09 24.20 -44.65
N GLY B 66 -2.56 23.88 -43.48
CA GLY B 66 -1.40 24.58 -42.95
C GLY B 66 -1.67 25.48 -41.78
N MET B 67 -2.83 25.36 -41.16
CA MET B 67 -3.10 26.13 -39.93
C MET B 67 -2.64 25.44 -38.64
N ASN B 68 -2.41 24.12 -38.68
CA ASN B 68 -1.78 23.40 -37.55
C ASN B 68 -0.42 24.00 -37.17
N THR B 69 0.37 24.43 -38.16
CA THR B 69 1.59 25.22 -37.94
C THR B 69 1.21 26.61 -37.43
N LYS B 70 1.78 26.98 -36.27
CA LYS B 70 1.58 28.32 -35.65
C LYS B 70 2.59 29.32 -36.24
N SER B 71 2.65 29.41 -37.58
CA SER B 71 3.75 30.09 -38.31
C SER B 71 3.36 30.89 -39.57
N VAL B 72 2.21 30.59 -40.18
CA VAL B 72 1.81 31.25 -41.44
C VAL B 72 1.50 32.76 -41.37
N ASN B 73 1.46 33.32 -40.16
CA ASN B 73 1.40 34.79 -39.98
C ASN B 73 2.48 35.34 -39.01
N GLU B 74 2.63 36.67 -38.98
CA GLU B 74 3.75 37.28 -38.27
C GLU B 74 3.72 37.04 -36.77
N THR B 75 2.54 37.12 -36.17
CA THR B 75 2.34 36.85 -34.75
C THR B 75 2.74 35.40 -34.40
N GLY B 76 2.34 34.47 -35.26
CA GLY B 76 2.69 33.07 -35.10
C GLY B 76 4.19 32.88 -35.00
N LYS B 77 4.93 33.42 -35.97
CA LYS B 77 6.40 33.35 -36.01
C LYS B 77 7.03 33.85 -34.71
N GLU B 78 6.59 35.04 -34.29
CA GLU B 78 7.02 35.65 -33.03
C GLU B 78 6.84 34.77 -31.79
N LYS B 79 5.80 33.96 -31.83
CA LYS B 79 5.45 33.04 -30.77
C LYS B 79 6.48 31.91 -30.79
N LEU B 80 6.78 31.41 -31.97
CA LEU B 80 7.76 30.36 -32.13
C LEU B 80 9.12 30.78 -31.67
N LEU B 81 9.46 32.00 -32.01
CA LEU B 81 10.70 32.64 -31.57
C LEU B 81 11.03 32.43 -30.10
N ILE B 82 10.00 32.37 -29.26
CA ILE B 82 10.19 32.31 -27.82
C ILE B 82 11.04 31.14 -27.40
N SER B 83 10.64 29.93 -27.79
CA SER B 83 11.34 28.71 -27.37
C SER B 83 12.79 28.70 -27.86
N LYS B 84 13.01 29.24 -29.04
CA LYS B 84 14.36 29.52 -29.56
C LYS B 84 15.13 30.32 -28.52
N ILE B 85 14.64 31.52 -28.22
CA ILE B 85 15.30 32.46 -27.33
C ILE B 85 15.44 31.93 -25.90
N PHE B 86 14.61 30.97 -25.52
CA PHE B 86 14.75 30.33 -24.22
C PHE B 86 16.03 29.56 -24.20
N THR B 87 16.18 28.63 -25.14
CA THR B 87 17.36 27.76 -25.21
C THR B 87 18.66 28.51 -25.53
N ASN B 88 18.57 29.68 -26.16
CA ASN B 88 19.75 30.53 -26.39
C ASN B 88 19.50 31.97 -26.00
N PRO B 89 19.56 32.29 -24.70
CA PRO B 89 19.29 33.63 -24.20
C PRO B 89 20.08 34.74 -24.89
N ASP B 90 21.22 34.40 -25.49
CA ASP B 90 21.91 35.23 -26.47
C ASP B 90 20.95 36.13 -27.25
N LEU B 91 19.97 35.50 -27.89
CA LEU B 91 19.09 36.21 -28.84
C LEU B 91 18.12 37.23 -28.19
N PHE B 92 17.96 37.17 -26.88
CA PHE B 92 16.97 37.95 -26.18
C PHE B 92 17.01 39.39 -26.58
N ASP B 93 18.06 40.09 -26.19
CA ASP B 93 18.15 41.54 -26.25
C ASP B 93 17.66 42.13 -27.60
N LYS B 94 18.22 41.63 -28.69
CA LYS B 94 17.88 42.03 -30.06
C LYS B 94 16.38 42.01 -30.31
N ASN B 95 15.77 40.88 -30.00
CA ASN B 95 14.35 40.67 -30.27
C ASN B 95 13.45 41.39 -29.29
N PHE B 96 13.79 41.28 -28.01
CA PHE B 96 13.03 41.94 -26.97
C PHE B 96 12.95 43.41 -27.21
N GLN B 97 14.00 43.98 -27.78
CA GLN B 97 13.99 45.39 -28.14
C GLN B 97 12.87 45.71 -29.16
N ARG B 98 12.67 44.83 -30.11
CA ARG B 98 11.57 44.97 -31.07
C ARG B 98 10.18 44.66 -30.51
N ILE B 99 10.11 43.77 -29.53
CA ILE B 99 8.83 43.32 -28.97
C ILE B 99 8.29 44.20 -27.85
N GLU B 100 9.14 44.64 -26.92
CA GLU B 100 8.65 45.48 -25.79
C GLU B 100 7.76 46.61 -26.31
N PRO B 101 8.18 47.31 -27.37
CA PRO B 101 7.35 48.36 -27.92
C PRO B 101 6.02 47.90 -28.48
N LYS B 102 6.02 46.76 -29.14
CA LYS B 102 4.80 46.23 -29.76
C LYS B 102 3.82 45.52 -28.80
N ARG B 103 4.20 45.43 -27.53
CA ARG B 103 3.50 44.57 -26.60
C ARG B 103 2.02 44.83 -26.46
N LEU B 104 1.58 46.07 -26.60
CA LEU B 104 0.14 46.34 -26.46
C LEU B 104 -0.58 46.37 -27.79
N THR B 105 0.09 45.96 -28.85
CA THR B 105 -0.50 45.86 -30.17
C THR B 105 -1.73 44.99 -30.16
N SER B 106 -1.57 43.80 -29.64
CA SER B 106 -2.67 42.85 -29.51
C SER B 106 -2.39 42.03 -28.29
N LEU B 107 -3.45 41.39 -27.79
CA LEU B 107 -3.36 40.45 -26.68
C LEU B 107 -2.31 39.39 -26.93
N GLN B 108 -2.22 38.94 -28.17
CA GLN B 108 -1.23 37.97 -28.55
C GLN B 108 0.15 38.51 -28.35
N TYR B 109 0.38 39.75 -28.77
CA TYR B 109 1.67 40.39 -28.58
C TYR B 109 1.97 40.57 -27.11
N PHE B 110 0.98 40.98 -26.33
CA PHE B 110 1.20 41.04 -24.91
C PHE B 110 1.61 39.72 -24.31
N SER B 111 0.97 38.65 -24.74
CA SER B 111 1.28 37.33 -24.21
C SER B 111 2.69 36.93 -24.56
N ILE B 112 3.10 37.30 -25.76
CA ILE B 112 4.43 37.03 -26.22
C ILE B 112 5.41 37.78 -25.34
N TYR B 113 5.19 39.09 -25.20
CA TYR B 113 5.95 39.95 -24.29
C TYR B 113 6.16 39.31 -22.92
N LEU B 114 5.11 38.71 -22.34
CA LEU B 114 5.20 38.04 -21.02
C LEU B 114 6.02 36.76 -21.04
N GLY B 115 6.03 36.11 -22.17
CA GLY B 115 6.96 35.05 -22.41
C GLY B 115 8.40 35.54 -22.30
N TYR B 116 8.72 36.69 -22.89
CA TYR B 116 10.08 37.21 -22.79
C TYR B 116 10.38 37.50 -21.31
N ILE B 117 9.46 38.13 -20.60
CA ILE B 117 9.67 38.42 -19.18
C ILE B 117 9.93 37.14 -18.38
N SER B 118 9.18 36.11 -18.73
CA SER B 118 9.30 34.81 -18.08
C SER B 118 10.72 34.29 -18.23
N ILE B 119 11.27 34.47 -19.43
CA ILE B 119 12.65 34.08 -19.69
C ILE B 119 13.62 34.93 -18.90
N ALA B 120 13.54 36.24 -19.06
CA ALA B 120 14.33 37.18 -18.32
C ALA B 120 14.41 36.83 -16.82
N HIS B 121 13.28 36.54 -16.20
CA HIS B 121 13.26 36.12 -14.78
C HIS B 121 14.16 34.92 -14.54
N HIS B 122 13.97 33.91 -15.39
CA HIS B 122 14.71 32.66 -15.35
C HIS B 122 16.22 32.84 -15.52
N TYR B 123 16.63 33.68 -16.47
CA TYR B 123 18.05 33.98 -16.67
C TYR B 123 18.56 35.24 -15.95
N ASN B 124 17.85 35.70 -14.92
CA ASN B 124 18.23 36.90 -14.15
C ASN B 124 18.51 38.16 -14.98
N ILE B 125 17.98 38.21 -16.20
CA ILE B 125 18.14 39.35 -17.10
C ILE B 125 17.31 40.46 -16.54
N GLU B 126 17.84 41.68 -16.59
CA GLU B 126 17.20 42.82 -15.99
C GLU B 126 16.30 43.46 -17.03
N VAL B 127 15.08 43.78 -16.61
CA VAL B 127 14.04 44.28 -17.49
C VAL B 127 13.28 45.38 -16.74
N PRO B 128 13.93 46.53 -16.56
CA PRO B 128 13.38 47.55 -15.70
C PRO B 128 12.04 48.03 -16.23
N THR B 129 11.93 48.11 -17.55
CA THR B 129 10.71 48.51 -18.23
C THR B 129 9.52 47.80 -17.66
N PHE B 130 9.67 46.50 -17.47
CA PHE B 130 8.59 45.69 -16.96
C PHE B 130 7.97 46.30 -15.73
N ASN B 131 8.76 46.45 -14.67
CA ASN B 131 8.22 46.98 -13.43
C ASN B 131 7.65 48.36 -13.51
N LYS B 132 8.17 49.20 -14.37
CA LYS B 132 7.55 50.46 -14.60
C LYS B 132 6.17 50.28 -15.23
N THR B 133 6.09 49.44 -16.26
CA THR B 133 4.91 49.43 -17.13
C THR B 133 3.77 48.51 -16.73
N ILE B 134 4.03 47.29 -16.28
CA ILE B 134 2.90 46.37 -16.15
C ILE B 134 1.67 46.84 -15.48
N THR B 135 1.75 47.52 -14.35
CA THR B 135 0.50 47.87 -13.68
C THR B 135 -0.31 48.71 -14.64
N SER B 136 0.33 49.70 -15.25
CA SER B 136 -0.25 50.53 -16.29
C SER B 136 -0.79 49.72 -17.47
N ASP B 137 0.00 48.76 -17.94
CA ASP B 137 -0.38 47.91 -19.07
C ASP B 137 -1.64 47.15 -18.79
N LEU B 138 -1.66 46.49 -17.64
CA LEU B 138 -2.81 45.71 -17.23
C LEU B 138 -4.03 46.58 -17.06
N LYS B 139 -3.82 47.75 -16.51
CA LYS B 139 -4.93 48.68 -16.41
C LYS B 139 -5.44 48.95 -17.81
N HIS B 140 -4.54 49.31 -18.74
CA HIS B 140 -4.92 49.57 -20.14
C HIS B 140 -5.73 48.45 -20.74
N LEU B 141 -5.26 47.23 -20.50
CA LEU B 141 -5.80 46.03 -21.15
C LEU B 141 -7.10 45.57 -20.56
N TYR B 142 -7.22 45.68 -19.26
CA TYR B 142 -8.30 45.01 -18.56
C TYR B 142 -9.26 45.92 -17.79
N ASP B 143 -9.00 47.22 -17.66
CA ASP B 143 -9.88 48.05 -16.81
C ASP B 143 -11.31 48.11 -17.29
N LYS B 144 -11.53 48.19 -18.61
CA LYS B 144 -12.89 48.33 -19.12
C LYS B 144 -13.31 47.13 -19.96
N ARG B 145 -13.01 45.94 -19.45
CA ARG B 145 -13.26 44.70 -20.18
C ARG B 145 -14.37 43.93 -19.53
N THR B 146 -15.25 43.37 -20.36
CA THR B 146 -16.38 42.59 -19.86
C THR B 146 -16.44 41.17 -20.42
N THR B 147 -15.96 40.92 -21.63
CA THR B 147 -15.91 39.54 -22.13
C THR B 147 -14.45 39.15 -22.40
N PHE B 148 -14.13 37.87 -22.15
CA PHE B 148 -12.78 37.36 -22.21
C PHE B 148 -12.62 36.10 -23.09
N PHE B 149 -11.47 35.99 -23.70
CA PHE B 149 -11.24 35.03 -24.71
C PHE B 149 -10.10 34.22 -24.26
N GLY B 150 -9.92 33.10 -24.92
CA GLY B 150 -8.83 32.21 -24.58
C GLY B 150 -7.53 32.94 -24.36
N ILE B 151 -7.18 33.83 -25.29
CA ILE B 151 -5.95 34.60 -25.19
C ILE B 151 -5.80 35.34 -23.84
N ASP B 152 -6.88 35.87 -23.26
CA ASP B 152 -6.77 36.49 -21.94
C ASP B 152 -6.35 35.51 -20.85
N CYS B 153 -6.90 34.29 -20.88
CA CYS B 153 -6.51 33.21 -19.94
C CYS B 153 -5.04 32.84 -20.13
N GLU B 154 -4.63 32.79 -21.39
CA GLU B 154 -3.27 32.53 -21.73
C GLU B 154 -2.43 33.60 -21.05
N ILE B 155 -2.85 34.87 -21.21
CA ILE B 155 -2.12 36.00 -20.66
C ILE B 155 -2.05 35.86 -19.15
N VAL B 156 -3.16 35.48 -18.54
CA VAL B 156 -3.27 35.34 -17.09
C VAL B 156 -2.32 34.29 -16.49
N SER B 157 -2.23 33.13 -17.16
CA SER B 157 -1.24 32.10 -16.82
C SER B 157 0.13 32.66 -16.89
N ASN B 158 0.41 33.42 -17.96
CA ASN B 158 1.72 34.09 -18.13
C ASN B 158 2.02 35.04 -16.97
N LEU B 159 1.04 35.87 -16.61
CA LEU B 159 1.14 36.83 -15.50
C LEU B 159 1.43 36.12 -14.20
N LEU B 160 0.69 35.04 -13.95
CA LEU B 160 0.86 34.27 -12.73
C LEU B 160 2.25 33.78 -12.54
N ASN B 161 2.94 33.68 -13.64
CA ASN B 161 4.23 33.09 -13.68
C ASN B 161 5.35 34.15 -13.61
N VAL B 162 5.00 35.44 -13.69
CA VAL B 162 5.98 36.58 -13.62
C VAL B 162 5.59 37.69 -12.65
N LEU B 163 4.54 37.49 -11.84
CA LEU B 163 4.05 38.47 -10.91
C LEU B 163 3.50 37.80 -9.67
N PRO B 164 3.61 38.46 -8.54
CA PRO B 164 2.92 38.03 -7.36
C PRO B 164 1.45 37.77 -7.60
N TYR B 165 0.90 36.81 -6.89
CA TYR B 165 -0.49 36.45 -7.04
C TYR B 165 -1.46 37.62 -6.92
N GLU B 166 -1.23 38.47 -5.94
CA GLU B 166 -2.23 39.50 -5.63
C GLU B 166 -2.33 40.49 -6.79
N GLU B 167 -1.18 40.76 -7.41
CA GLU B 167 -1.12 41.60 -8.59
C GLU B 167 -1.93 41.02 -9.77
N VAL B 168 -2.24 39.72 -9.74
CA VAL B 168 -3.01 39.10 -10.81
C VAL B 168 -4.48 38.74 -10.44
N SER B 169 -4.80 38.49 -9.17
CA SER B 169 -6.08 37.86 -8.84
C SER B 169 -7.28 38.66 -9.32
N SER B 170 -7.19 39.96 -9.12
CA SER B 170 -8.12 40.94 -9.64
C SER B 170 -8.53 40.71 -11.10
N ILE B 171 -7.52 40.54 -11.94
CA ILE B 171 -7.68 40.23 -13.37
C ILE B 171 -8.37 38.86 -13.64
N ILE B 172 -8.11 37.88 -12.78
CA ILE B 172 -8.62 36.56 -12.98
C ILE B 172 -10.10 36.50 -12.69
N LYS B 173 -10.48 36.93 -11.50
CA LYS B 173 -11.81 36.64 -10.98
C LYS B 173 -12.97 36.94 -11.90
N PRO B 174 -12.95 38.12 -12.57
CA PRO B 174 -13.98 38.40 -13.60
C PRO B 174 -14.14 37.41 -14.80
N MET B 175 -13.15 36.57 -15.08
CA MET B 175 -13.16 35.70 -16.25
C MET B 175 -13.83 34.38 -15.97
N TYR B 176 -14.10 34.12 -14.70
CA TYR B 176 -14.72 32.89 -14.30
C TYR B 176 -16.02 33.28 -13.59
N PRO B 177 -17.02 32.40 -13.56
CA PRO B 177 -17.00 31.07 -14.10
C PRO B 177 -17.16 31.10 -15.59
N ILE B 178 -16.60 30.10 -16.26
CA ILE B 178 -16.78 29.85 -17.68
C ILE B 178 -18.19 29.28 -17.82
N VAL B 179 -18.83 29.52 -18.95
CA VAL B 179 -20.14 28.91 -19.23
C VAL B 179 -20.25 28.27 -20.61
N ASP B 180 -19.24 28.36 -21.47
CA ASP B 180 -19.29 27.67 -22.77
C ASP B 180 -17.90 27.24 -23.15
N SER B 181 -17.83 26.09 -23.82
CA SER B 181 -16.62 25.67 -24.49
C SER B 181 -16.61 26.36 -25.85
N PHE B 182 -15.43 26.72 -26.34
CA PHE B 182 -15.27 27.16 -27.74
C PHE B 182 -14.16 26.36 -28.38
N GLY B 183 -14.17 25.06 -28.13
CA GLY B 183 -13.21 24.13 -28.72
C GLY B 183 -12.21 23.63 -27.74
N LYS B 184 -11.53 22.55 -28.10
CA LYS B 184 -10.58 21.96 -27.18
C LYS B 184 -9.40 22.97 -26.94
N ASP B 185 -9.02 23.74 -27.95
CA ASP B 185 -8.00 24.78 -27.79
C ASP B 185 -8.42 25.69 -26.65
N TYR B 186 -9.61 26.24 -26.77
CA TYR B 186 -10.15 27.16 -25.74
C TYR B 186 -10.19 26.50 -24.39
N ASP B 187 -10.71 25.29 -24.38
CA ASP B 187 -10.99 24.56 -23.14
C ASP B 187 -9.71 24.30 -22.40
N LEU B 188 -8.60 24.09 -23.11
CA LEU B 188 -7.35 23.84 -22.42
C LEU B 188 -6.82 25.11 -21.75
N THR B 189 -6.96 26.23 -22.46
CA THR B 189 -6.43 27.47 -21.97
C THR B 189 -7.09 27.80 -20.65
N ILE B 190 -8.42 27.79 -20.63
CA ILE B 190 -9.10 28.10 -19.37
C ILE B 190 -8.79 27.15 -18.24
N GLN B 191 -8.40 25.92 -18.52
CA GLN B 191 -8.05 25.01 -17.43
C GLN B 191 -6.69 25.34 -16.93
N THR B 192 -5.77 25.66 -17.85
CA THR B 192 -4.39 25.90 -17.43
C THR B 192 -4.30 26.97 -16.33
N VAL B 193 -5.04 28.07 -16.47
CA VAL B 193 -5.08 29.13 -15.46
C VAL B 193 -5.48 28.59 -14.12
N LEU B 194 -6.53 27.80 -14.13
CA LEU B 194 -7.02 27.24 -12.89
C LEU B 194 -5.97 26.38 -12.20
N LYS B 195 -5.32 25.54 -12.98
CA LYS B 195 -4.35 24.65 -12.44
C LYS B 195 -3.21 25.49 -11.82
N ASN B 196 -2.67 26.43 -12.58
CA ASN B 196 -1.50 27.21 -12.13
C ASN B 196 -1.81 28.06 -10.91
N ALA B 197 -3.04 28.59 -10.87
CA ALA B 197 -3.50 29.39 -9.75
C ALA B 197 -3.68 28.56 -8.52
N LEU B 198 -4.34 27.42 -8.68
CA LEU B 198 -4.52 26.51 -7.57
C LEU B 198 -3.20 26.10 -6.97
N THR B 199 -2.22 25.78 -7.83
CA THR B 199 -0.92 25.36 -7.34
C THR B 199 -0.30 26.43 -6.47
N ILE B 200 -0.37 27.68 -6.93
CA ILE B 200 0.15 28.81 -6.16
C ILE B 200 -0.63 29.05 -4.87
N SER B 201 -1.95 28.96 -4.91
CA SER B 201 -2.74 29.16 -3.71
C SER B 201 -2.34 28.12 -2.66
N ILE B 202 -2.24 26.86 -3.08
CA ILE B 202 -1.78 25.81 -2.19
C ILE B 202 -0.39 26.11 -1.67
N MET B 203 0.53 26.42 -2.55
CA MET B 203 1.88 26.73 -2.13
C MET B 203 2.02 27.92 -1.19
N ASN B 204 1.09 28.87 -1.25
CA ASN B 204 1.01 30.00 -0.32
C ASN B 204 0.17 29.70 0.91
N ARG B 205 -0.37 28.49 1.03
CA ARG B 205 -1.31 28.15 2.11
C ARG B 205 -2.59 29.02 2.10
N ASN B 206 -2.88 29.67 0.98
CA ASN B 206 -4.09 30.43 0.87
C ASN B 206 -5.24 29.50 0.52
N LEU B 207 -5.88 29.00 1.56
CA LEU B 207 -6.89 27.97 1.41
C LEU B 207 -8.22 28.46 0.85
N LYS B 208 -8.47 29.76 0.98
CA LYS B 208 -9.70 30.34 0.48
C LYS B 208 -9.64 30.35 -1.04
N GLU B 209 -8.56 30.90 -1.56
CA GLU B 209 -8.35 30.98 -3.00
C GLU B 209 -8.22 29.60 -3.61
N ALA B 210 -7.49 28.73 -2.93
CA ALA B 210 -7.32 27.37 -3.34
C ALA B 210 -8.71 26.75 -3.56
N GLN B 211 -9.60 26.85 -2.58
CA GLN B 211 -10.94 26.30 -2.73
C GLN B 211 -11.67 26.88 -3.95
N TYR B 212 -11.43 28.15 -4.21
CA TYR B 212 -12.12 28.87 -5.28
C TYR B 212 -11.74 28.22 -6.60
N TYR B 213 -10.44 28.01 -6.79
CA TYR B 213 -9.94 27.40 -7.99
C TYR B 213 -10.43 25.99 -8.16
N ILE B 214 -10.43 25.22 -7.07
CA ILE B 214 -10.98 23.88 -7.11
C ILE B 214 -12.44 23.92 -7.61
N ASN B 215 -13.17 24.90 -7.14
CA ASN B 215 -14.56 24.98 -7.47
C ASN B 215 -14.77 25.36 -8.94
N GLN B 216 -14.00 26.35 -9.37
CA GLN B 216 -14.03 26.76 -10.76
C GLN B 216 -13.67 25.65 -11.69
N PHE B 217 -12.71 24.77 -11.31
CA PHE B 217 -12.37 23.61 -12.12
C PHE B 217 -13.49 22.57 -12.11
N GLU B 218 -14.02 22.27 -10.93
CA GLU B 218 -15.10 21.30 -10.85
C GLU B 218 -16.36 21.81 -11.58
N HIS B 219 -16.44 23.12 -11.74
CA HIS B 219 -17.52 23.67 -12.46
C HIS B 219 -17.39 23.42 -13.95
N LEU B 220 -16.16 23.51 -14.46
CA LEU B 220 -15.94 23.34 -15.86
C LEU B 220 -16.52 22.03 -16.25
N LYS B 221 -16.46 21.04 -15.35
CA LYS B 221 -16.87 19.65 -15.62
C LYS B 221 -18.32 19.58 -16.11
N THR B 222 -19.10 20.52 -15.61
CA THR B 222 -20.51 20.58 -15.88
C THR B 222 -20.82 21.22 -17.24
N ILE B 223 -19.85 21.85 -17.90
CA ILE B 223 -20.12 22.55 -19.15
C ILE B 223 -20.31 21.55 -20.30
N LYS B 224 -21.22 21.88 -21.21
CA LYS B 224 -21.60 21.00 -22.29
C LYS B 224 -20.50 21.03 -23.33
N ASN B 225 -20.04 19.84 -23.75
CA ASN B 225 -18.99 19.68 -24.77
C ASN B 225 -17.63 20.18 -24.29
N ILE B 226 -17.52 20.37 -22.97
CA ILE B 226 -16.28 20.75 -22.38
C ILE B 226 -15.32 19.60 -22.60
N SER B 227 -14.03 19.87 -22.57
CA SER B 227 -13.11 18.83 -22.80
C SER B 227 -12.00 18.94 -21.76
N ILE B 228 -12.18 18.18 -20.69
CA ILE B 228 -11.28 18.25 -19.55
C ILE B 228 -9.94 17.49 -19.81
N ASN B 229 -8.84 18.18 -19.53
CA ASN B 229 -7.54 17.60 -19.57
C ASN B 229 -7.42 16.57 -18.41
N GLY B 230 -7.16 15.30 -18.74
CA GLY B 230 -7.00 14.26 -17.74
C GLY B 230 -5.78 14.51 -16.87
N TYR B 231 -4.67 14.93 -17.47
CA TYR B 231 -3.47 15.11 -16.70
C TYR B 231 -3.68 16.19 -15.65
N TYR B 232 -4.33 17.27 -16.10
CA TYR B 232 -4.81 18.31 -15.17
C TYR B 232 -5.76 17.73 -14.16
N ASP B 233 -6.72 16.92 -14.60
CA ASP B 233 -7.72 16.44 -13.67
C ASP B 233 -6.93 15.80 -12.53
N LEU B 234 -5.93 14.99 -12.91
CA LEU B 234 -5.14 14.27 -11.91
C LEU B 234 -4.43 15.19 -11.01
N GLU B 235 -3.73 16.17 -11.60
CA GLU B 235 -2.87 17.04 -10.81
C GLU B 235 -3.68 17.90 -9.87
N ILE B 236 -4.74 18.46 -10.41
CA ILE B 236 -5.66 19.23 -9.61
C ILE B 236 -6.10 18.38 -8.48
N ASN B 237 -6.38 17.13 -8.81
CA ASN B 237 -6.89 16.28 -7.79
C ASN B 237 -5.88 16.03 -6.68
N TYR B 238 -4.63 15.88 -7.06
CA TYR B 238 -3.57 15.80 -6.06
C TYR B 238 -3.56 17.04 -5.21
N LEU B 239 -3.84 18.19 -5.81
CA LEU B 239 -3.86 19.46 -5.07
C LEU B 239 -5.04 19.51 -4.10
N LYS B 240 -6.19 19.00 -4.53
CA LYS B 240 -7.40 18.91 -3.72
C LYS B 240 -7.08 18.10 -2.50
N GLN B 241 -6.24 17.10 -2.74
CA GLN B 241 -5.83 16.14 -1.72
C GLN B 241 -4.94 16.81 -0.66
N ILE B 242 -3.97 17.59 -1.12
CA ILE B 242 -3.13 18.38 -0.24
C ILE B 242 -3.97 19.41 0.47
N TYR B 243 -4.98 19.95 -0.19
CA TYR B 243 -5.86 20.90 0.42
C TYR B 243 -6.52 20.27 1.64
N GLN B 244 -7.20 19.12 1.46
CA GLN B 244 -7.87 18.46 2.62
C GLN B 244 -6.85 18.15 3.70
N PHE B 245 -5.61 17.93 3.30
CA PHE B 245 -4.55 17.71 4.29
C PHE B 245 -4.17 18.95 5.05
N LEU B 246 -4.07 20.10 4.38
CA LEU B 246 -3.75 21.36 5.08
C LEU B 246 -4.94 21.85 5.95
N THR B 247 -6.17 21.63 5.47
CA THR B 247 -7.29 22.01 6.32
C THR B 247 -7.44 21.08 7.56
N ASP B 248 -7.29 19.75 7.42
CA ASP B 248 -7.66 18.79 8.51
C ASP B 248 -6.50 17.96 9.02
N LYS B 249 -5.27 18.38 8.75
CA LYS B 249 -4.11 17.50 8.80
C LYS B 249 -4.45 15.93 8.79
N ASN B 250 -4.88 15.42 7.64
CA ASN B 250 -5.50 14.10 7.54
C ASN B 250 -4.62 13.19 6.72
N ILE B 251 -4.42 12.00 7.24
CA ILE B 251 -3.37 11.15 6.75
C ILE B 251 -3.70 10.49 5.41
N ASP B 252 -4.94 10.06 5.23
CA ASP B 252 -5.39 9.50 3.99
C ASP B 252 -5.16 10.46 2.84
N SER B 253 -5.51 11.72 3.06
CA SER B 253 -5.27 12.74 2.06
C SER B 253 -3.80 12.74 1.68
N TYR B 254 -2.96 12.80 2.68
CA TYR B 254 -1.54 12.82 2.40
C TYR B 254 -1.08 11.60 1.56
N LEU B 255 -1.52 10.42 1.95
CA LEU B 255 -1.23 9.23 1.20
C LEU B 255 -1.74 9.28 -0.23
N ASN B 256 -2.97 9.75 -0.46
CA ASN B 256 -3.52 9.86 -1.80
C ASN B 256 -2.69 10.81 -2.65
N ALA B 257 -2.26 11.89 -2.05
CA ALA B 257 -1.44 12.83 -2.76
C ALA B 257 -0.20 12.14 -3.27
N VAL B 258 0.42 11.40 -2.36
CA VAL B 258 1.62 10.68 -2.72
C VAL B 258 1.34 9.60 -3.79
N ASN B 259 0.19 8.97 -3.70
CA ASN B 259 -0.18 8.00 -4.65
C ASN B 259 -0.27 8.56 -6.06
N ILE B 260 -0.88 9.73 -6.16
CA ILE B 260 -1.06 10.40 -7.41
C ILE B 260 0.29 10.76 -8.01
N ILE B 261 1.17 11.27 -7.14
CA ILE B 261 2.56 11.63 -7.55
C ILE B 261 3.16 10.46 -8.23
N ASN B 262 2.92 9.33 -7.63
CA ASN B 262 3.47 8.11 -8.08
C ASN B 262 2.92 7.63 -9.40
N ILE B 263 1.64 7.87 -9.60
CA ILE B 263 0.98 7.47 -10.83
C ILE B 263 1.54 8.22 -12.03
N PHE B 264 1.74 9.52 -11.91
CA PHE B 264 2.40 10.22 -12.95
C PHE B 264 3.70 9.49 -13.28
N LYS B 265 4.48 9.14 -12.26
CA LYS B 265 5.74 8.41 -12.46
C LYS B 265 5.50 7.19 -13.29
N ILE B 266 4.56 6.39 -12.82
CA ILE B 266 4.17 5.18 -13.52
C ILE B 266 3.82 5.35 -14.98
N ILE B 267 3.21 6.46 -15.34
CA ILE B 267 2.72 6.63 -16.71
C ILE B 267 3.68 7.48 -17.52
N GLY B 268 4.83 7.76 -16.92
CA GLY B 268 5.93 8.30 -17.68
C GLY B 268 5.95 9.80 -17.75
N LYS B 269 5.17 10.47 -16.91
CA LYS B 269 5.09 11.92 -16.94
C LYS B 269 6.08 12.50 -15.93
N GLU B 270 7.37 12.42 -16.28
CA GLU B 270 8.43 12.73 -15.36
C GLU B 270 8.52 14.23 -15.10
N ASP B 271 8.32 15.04 -16.11
CA ASP B 271 8.08 16.47 -15.94
C ASP B 271 7.20 16.73 -14.72
N ILE B 272 6.02 16.18 -14.73
CA ILE B 272 5.06 16.45 -13.70
C ILE B 272 5.45 15.80 -12.39
N HIS B 273 5.88 14.56 -12.48
CA HIS B 273 6.38 13.82 -11.34
C HIS B 273 7.44 14.60 -10.55
N ARG B 274 8.37 15.24 -11.23
CA ARG B 274 9.38 15.97 -10.56
C ARG B 274 8.83 17.27 -9.91
N SER B 275 7.88 17.95 -10.56
CA SER B 275 7.32 19.15 -9.98
C SER B 275 6.55 18.80 -8.72
N LEU B 276 5.78 17.72 -8.79
CA LEU B 276 4.92 17.38 -7.68
C LEU B 276 5.71 16.86 -6.51
N VAL B 277 6.76 16.15 -6.80
CA VAL B 277 7.63 15.74 -5.74
C VAL B 277 8.17 16.96 -5.06
N GLU B 278 8.66 17.93 -5.83
CA GLU B 278 9.15 19.18 -5.24
C GLU B 278 8.16 19.90 -4.38
N GLU B 279 6.96 20.07 -4.92
CA GLU B 279 5.92 20.76 -4.19
C GLU B 279 5.72 20.08 -2.88
N LEU B 280 5.47 18.77 -2.94
CA LEU B 280 5.10 18.00 -1.78
C LEU B 280 6.15 18.18 -0.73
N THR B 281 7.42 18.13 -1.13
CA THR B 281 8.56 18.35 -0.23
C THR B 281 8.44 19.65 0.52
N LYS B 282 8.17 20.72 -0.23
CA LYS B 282 8.07 22.09 0.31
C LYS B 282 6.89 22.25 1.22
N ILE B 283 5.73 21.83 0.77
CA ILE B 283 4.52 21.87 1.57
C ILE B 283 4.77 21.12 2.88
N SER B 284 5.46 19.98 2.81
CA SER B 284 5.76 19.14 3.95
C SER B 284 6.64 19.85 4.93
N ALA B 285 7.73 20.38 4.42
CA ALA B 285 8.64 21.19 5.23
C ALA B 285 7.88 22.28 5.99
N LYS B 286 7.02 23.00 5.26
CA LYS B 286 6.19 24.02 5.85
C LYS B 286 5.34 23.49 6.97
N GLU B 287 4.73 22.34 6.81
CA GLU B 287 3.90 21.82 7.87
C GLU B 287 4.68 20.98 8.92
N LYS B 288 6.02 21.09 8.89
CA LYS B 288 6.93 20.44 9.83
C LYS B 288 6.70 18.92 9.80
N PHE B 289 7.21 18.33 8.73
CA PHE B 289 6.73 17.03 8.27
C PHE B 289 7.64 16.45 7.24
N THR B 290 7.88 15.16 7.36
CA THR B 290 8.85 14.50 6.51
C THR B 290 8.10 13.58 5.57
N PRO B 291 8.29 13.79 4.27
CA PRO B 291 7.56 13.01 3.32
C PRO B 291 8.15 11.60 3.25
N PRO B 292 7.43 10.64 2.68
CA PRO B 292 7.98 9.31 2.62
C PRO B 292 9.32 9.32 1.96
N LYS B 293 10.18 8.41 2.43
CA LYS B 293 11.55 8.26 1.96
C LYS B 293 11.60 8.03 0.45
N GLU B 294 10.62 7.27 -0.04
CA GLU B 294 10.38 7.16 -1.46
C GLU B 294 10.52 8.51 -2.18
N VAL B 295 9.84 9.55 -1.69
CA VAL B 295 9.76 10.82 -2.43
C VAL B 295 10.95 11.68 -2.21
N THR B 296 11.53 11.66 -1.01
CA THR B 296 12.76 12.46 -0.76
C THR B 296 14.01 11.84 -1.40
N MET B 297 14.02 10.52 -1.53
CA MET B 297 15.03 9.79 -2.31
C MET B 297 15.14 10.29 -3.74
N TYR B 298 14.00 10.26 -4.44
CA TYR B 298 13.90 10.76 -5.80
C TYR B 298 14.30 12.23 -5.82
N TYR B 299 13.82 12.98 -4.85
CA TYR B 299 14.14 14.40 -4.72
C TYR B 299 15.64 14.68 -4.74
N GLU B 300 16.41 13.87 -4.03
CA GLU B 300 17.83 14.11 -3.92
C GLU B 300 18.66 13.65 -5.13
N ASN B 301 18.21 12.62 -5.84
CA ASN B 301 18.91 12.14 -7.07
C ASN B 301 18.35 12.66 -8.38
N TYR B 302 17.35 13.54 -8.29
CA TYR B 302 16.67 14.15 -9.43
C TYR B 302 16.05 15.51 -9.18
N VAL B 303 16.49 16.24 -8.16
CA VAL B 303 16.07 17.63 -7.92
C VAL B 303 17.20 18.41 -7.23
N ALA B 304 17.75 17.87 -6.13
CA ALA B 304 18.81 18.53 -5.34
C ALA B 304 20.05 18.91 -6.17
N PHE C 2 22.34 -26.75 41.00
CA PHE C 2 23.22 -27.55 41.90
C PHE C 2 23.37 -26.87 43.26
N LYS C 3 23.62 -25.57 43.21
CA LYS C 3 23.89 -24.73 44.39
C LYS C 3 22.66 -24.00 44.95
N ILE C 4 21.61 -24.73 45.25
CA ILE C 4 20.34 -24.10 45.56
C ILE C 4 20.38 -23.40 46.91
N GLY C 5 21.07 -24.01 47.85
CA GLY C 5 21.16 -23.48 49.20
C GLY C 5 21.77 -22.11 49.25
N SER C 6 22.82 -21.91 48.50
CA SER C 6 23.43 -20.59 48.44
C SER C 6 22.46 -19.55 47.86
N VAL C 7 21.66 -19.95 46.89
CA VAL C 7 20.70 -19.02 46.32
C VAL C 7 19.63 -18.70 47.36
N LEU C 8 19.19 -19.72 48.09
CA LEU C 8 18.24 -19.49 49.17
C LEU C 8 18.78 -18.49 50.15
N LYS C 9 20.04 -18.63 50.57
CA LYS C 9 20.66 -17.67 51.50
C LYS C 9 20.63 -16.30 50.89
N GLN C 10 21.14 -16.22 49.66
CA GLN C 10 21.28 -14.97 48.95
C GLN C 10 19.94 -14.24 48.94
N ILE C 11 18.87 -14.94 48.54
CA ILE C 11 17.52 -14.35 48.48
C ILE C 11 16.98 -14.03 49.87
N ARG C 12 17.22 -14.92 50.81
CA ARG C 12 16.74 -14.73 52.15
C ARG C 12 17.32 -13.47 52.78
N GLN C 13 18.64 -13.31 52.74
CA GLN C 13 19.24 -12.11 53.26
C GLN C 13 18.82 -10.91 52.49
N GLU C 14 18.69 -11.01 51.18
CA GLU C 14 18.27 -9.86 50.39
C GLU C 14 16.97 -9.27 50.91
N LEU C 15 16.08 -10.17 51.27
CA LEU C 15 14.74 -9.83 51.75
C LEU C 15 14.70 -9.61 53.26
N ASN C 16 15.83 -9.65 53.92
CA ASN C 16 15.90 -9.50 55.38
C ASN C 16 15.00 -10.48 56.07
N TYR C 17 15.02 -11.76 55.69
CA TYR C 17 14.41 -12.79 56.52
C TYR C 17 15.52 -13.41 57.30
N HIS C 18 15.14 -14.07 58.36
CA HIS C 18 16.03 -14.87 59.19
C HIS C 18 15.81 -16.31 58.86
N GLN C 19 16.78 -17.15 59.20
CA GLN C 19 16.67 -18.58 58.90
C GLN C 19 15.39 -19.20 59.42
N ILE C 20 15.00 -18.79 60.63
CA ILE C 20 13.80 -19.31 61.26
C ILE C 20 12.60 -19.04 60.36
N ASP C 21 12.56 -17.90 59.69
CA ASP C 21 11.43 -17.57 58.85
C ASP C 21 11.31 -18.57 57.72
N LEU C 22 12.43 -19.13 57.29
CA LEU C 22 12.38 -20.20 56.29
C LEU C 22 12.08 -21.56 56.90
N TYR C 23 12.92 -21.99 57.82
CA TYR C 23 12.89 -23.41 58.22
C TYR C 23 11.76 -23.81 59.17
N SER C 24 11.15 -22.85 59.88
CA SER C 24 10.24 -23.17 60.97
C SER C 24 8.97 -23.85 60.50
N GLY C 25 8.80 -25.08 60.94
CA GLY C 25 7.67 -25.93 60.52
C GLY C 25 7.97 -26.67 59.25
N ILE C 26 9.26 -26.72 58.90
CA ILE C 26 9.73 -27.40 57.69
C ILE C 26 10.92 -28.27 58.03
N MET C 27 11.86 -27.76 58.83
CA MET C 27 12.97 -28.57 59.27
C MET C 27 13.67 -27.91 60.43
N SER C 28 14.51 -28.67 61.11
CA SER C 28 15.28 -28.18 62.24
C SER C 28 16.31 -27.10 61.81
N LYS C 29 16.62 -26.19 62.74
CA LYS C 29 17.64 -25.16 62.54
C LYS C 29 18.89 -25.77 61.92
N SER C 30 19.37 -26.81 62.55
CA SER C 30 20.65 -27.39 62.17
C SER C 30 20.58 -27.95 60.76
N VAL C 31 19.48 -28.64 60.46
CA VAL C 31 19.35 -29.27 59.15
C VAL C 31 19.33 -28.19 58.09
N TYR C 32 18.53 -27.15 58.33
CA TYR C 32 18.45 -26.02 57.41
C TYR C 32 19.81 -25.46 57.11
N ILE C 33 20.66 -25.31 58.13
CA ILE C 33 21.97 -24.70 57.88
C ILE C 33 22.81 -25.57 56.97
N LYS C 34 22.58 -26.87 57.04
CA LYS C 34 23.23 -27.81 56.15
C LYS C 34 22.71 -27.66 54.74
N VAL C 35 21.39 -27.54 54.62
CA VAL C 35 20.79 -27.29 53.29
C VAL C 35 21.36 -26.03 52.67
N GLU C 36 21.36 -24.95 53.44
CA GLU C 36 21.84 -23.67 52.98
C GLU C 36 23.32 -23.67 52.67
N ALA C 37 24.08 -24.50 53.37
CA ALA C 37 25.49 -24.71 53.05
C ALA C 37 25.71 -25.57 51.76
N ASP C 38 24.65 -26.10 51.20
CA ASP C 38 24.75 -27.02 50.09
C ASP C 38 25.37 -28.35 50.52
N SER C 39 25.31 -28.68 51.81
CA SER C 39 25.86 -29.92 52.27
C SER C 39 24.78 -30.98 52.35
N ARG C 40 23.53 -30.58 52.57
CA ARG C 40 22.42 -31.53 52.49
C ARG C 40 21.73 -31.25 51.19
N PRO C 41 21.35 -32.30 50.44
CA PRO C 41 20.41 -32.03 49.35
C PRO C 41 18.99 -31.70 49.85
N ILE C 42 18.20 -31.15 48.93
CA ILE C 42 16.94 -30.52 49.24
C ILE C 42 15.84 -31.15 48.40
N SER C 43 14.74 -31.55 49.03
CA SER C 43 13.61 -32.10 48.32
C SER C 43 12.90 -31.00 47.55
N VAL C 44 12.34 -31.39 46.41
CA VAL C 44 11.50 -30.50 45.62
C VAL C 44 10.47 -29.87 46.52
N GLU C 45 9.88 -30.68 47.41
CA GLU C 45 8.82 -30.20 48.26
C GLU C 45 9.34 -29.10 49.21
N GLU C 46 10.50 -29.32 49.84
CA GLU C 46 11.05 -28.34 50.77
C GLU C 46 11.32 -27.04 50.02
N LEU C 47 11.94 -27.18 48.86
CA LEU C 47 12.30 -26.01 48.07
C LEU C 47 11.08 -25.24 47.65
N SER C 48 10.04 -25.98 47.31
CA SER C 48 8.80 -25.36 46.97
C SER C 48 8.29 -24.56 48.15
N LYS C 49 8.31 -25.14 49.32
CA LYS C 49 7.80 -24.43 50.49
C LYS C 49 8.61 -23.16 50.74
N PHE C 50 9.92 -23.28 50.71
CA PHE C 50 10.80 -22.13 50.93
C PHE C 50 10.55 -21.02 49.91
N SER C 51 10.38 -21.44 48.66
CA SER C 51 10.05 -20.57 47.57
C SER C 51 8.86 -19.72 47.96
N GLU C 52 7.83 -20.37 48.49
CA GLU C 52 6.64 -19.67 48.96
C GLU C 52 6.92 -18.66 50.06
N ARG C 53 7.84 -18.96 50.95
CA ARG C 53 8.11 -18.07 52.09
C ARG C 53 8.91 -16.84 51.67
N LEU C 54 9.81 -17.00 50.71
CA LEU C 54 10.57 -15.89 50.21
C LEU C 54 9.67 -14.99 49.36
N GLY C 55 8.78 -15.62 48.61
CA GLY C 55 7.92 -14.89 47.69
C GLY C 55 8.48 -14.88 46.28
N VAL C 56 9.64 -15.51 46.03
CA VAL C 56 10.15 -15.59 44.67
C VAL C 56 9.84 -16.95 44.11
N ASN C 57 9.77 -17.03 42.81
CA ASN C 57 9.12 -18.10 42.16
C ASN C 57 10.03 -19.31 42.05
N PHE C 58 9.47 -20.45 42.35
CA PHE C 58 10.16 -21.71 42.40
C PHE C 58 11.12 -21.87 41.21
N PHE C 59 10.65 -21.65 39.99
CA PHE C 59 11.50 -21.89 38.83
C PHE C 59 12.61 -20.90 38.71
N GLU C 60 12.35 -19.67 39.07
CA GLU C 60 13.39 -18.66 39.08
C GLU C 60 14.55 -19.08 39.99
N ILE C 61 14.23 -19.62 41.15
CA ILE C 61 15.23 -20.09 42.09
C ILE C 61 16.05 -21.24 41.48
N LEU C 62 15.38 -22.22 40.90
CA LEU C 62 16.05 -23.29 40.21
C LEU C 62 17.00 -22.81 39.15
N ASN C 63 16.55 -21.81 38.41
CA ASN C 63 17.30 -21.25 37.31
C ASN C 63 18.50 -20.42 37.80
N ARG C 64 18.34 -19.75 38.93
CA ARG C 64 19.41 -19.04 39.53
C ARG C 64 20.39 -19.99 40.20
N ALA C 65 19.95 -21.19 40.56
CA ALA C 65 20.84 -22.16 41.13
C ALA C 65 21.58 -22.93 40.08
N GLY C 66 21.43 -22.57 38.80
CA GLY C 66 22.27 -23.07 37.73
C GLY C 66 21.60 -24.03 36.76
N MET C 67 20.28 -24.10 36.77
CA MET C 67 19.55 -24.93 35.80
C MET C 67 19.26 -24.24 34.48
N ASN C 68 19.31 -22.90 34.51
CA ASN C 68 19.27 -22.10 33.27
C ASN C 68 20.33 -22.56 32.23
N THR C 69 21.56 -22.82 32.69
CA THR C 69 22.62 -23.38 31.87
C THR C 69 22.28 -24.84 31.51
N LYS C 70 22.24 -25.14 30.21
CA LYS C 70 21.97 -26.51 29.70
C LYS C 70 23.25 -27.36 29.68
N SER C 71 23.93 -27.43 30.83
CA SER C 71 25.34 -27.87 30.92
C SER C 71 25.68 -28.76 32.10
N VAL C 72 24.99 -28.59 33.21
CA VAL C 72 25.37 -29.21 34.48
C VAL C 72 25.27 -30.77 34.46
N ASN C 73 24.80 -31.35 33.36
CA ASN C 73 24.80 -32.79 33.15
C ASN C 73 25.42 -33.15 31.81
N GLU C 74 25.68 -34.44 31.63
CA GLU C 74 26.39 -34.93 30.45
C GLU C 74 25.65 -34.71 29.13
N THR C 75 24.36 -35.03 29.09
CA THR C 75 23.57 -34.81 27.88
C THR C 75 23.50 -33.34 27.53
N GLY C 76 23.37 -32.50 28.55
CA GLY C 76 23.39 -31.06 28.39
C GLY C 76 24.61 -30.66 27.60
N LYS C 77 25.78 -31.06 28.09
CA LYS C 77 27.07 -30.76 27.41
C LYS C 77 27.06 -31.20 25.96
N GLU C 78 26.66 -32.44 25.73
CA GLU C 78 26.57 -32.97 24.35
C GLU C 78 25.66 -32.17 23.38
N LYS C 79 24.64 -31.53 23.96
CA LYS C 79 23.70 -30.70 23.20
C LYS C 79 24.41 -29.44 22.82
N LEU C 80 25.10 -28.84 23.79
CA LEU C 80 25.87 -27.62 23.53
C LEU C 80 26.90 -27.83 22.46
N LEU C 81 27.56 -28.97 22.54
CA LEU C 81 28.53 -29.43 21.55
C LEU C 81 28.10 -29.19 20.09
N ILE C 82 26.80 -29.33 19.81
CA ILE C 82 26.28 -29.27 18.43
C ILE C 82 26.61 -27.97 17.72
N SER C 83 26.25 -26.85 18.33
CA SER C 83 26.45 -25.55 17.69
C SER C 83 27.94 -25.32 17.43
N LYS C 84 28.81 -25.75 18.37
CA LYS C 84 30.27 -25.71 18.13
C LYS C 84 30.60 -26.50 16.83
N ILE C 85 30.18 -27.76 16.76
CA ILE C 85 30.48 -28.64 15.59
C ILE C 85 29.85 -28.13 14.30
N PHE C 86 28.81 -27.30 14.41
CA PHE C 86 28.20 -26.70 13.24
C PHE C 86 29.18 -25.71 12.63
N THR C 87 29.60 -24.73 13.44
CA THR C 87 30.50 -23.68 12.98
C THR C 87 31.88 -24.23 12.62
N ASN C 88 32.32 -25.36 13.20
CA ASN C 88 33.58 -26.01 12.74
C ASN C 88 33.40 -27.52 12.45
N PRO C 89 32.91 -27.85 11.21
CA PRO C 89 32.64 -29.26 10.83
C PRO C 89 33.81 -30.22 11.02
N ASP C 90 35.01 -29.65 11.06
CA ASP C 90 36.22 -30.31 11.56
C ASP C 90 35.89 -31.33 12.67
N LEU C 91 35.25 -30.85 13.73
CA LEU C 91 35.06 -31.65 14.95
C LEU C 91 34.05 -32.84 14.76
N PHE C 92 33.29 -32.81 13.66
CA PHE C 92 32.26 -33.80 13.37
C PHE C 92 32.70 -35.22 13.71
N ASP C 93 33.53 -35.79 12.84
CA ASP C 93 33.77 -37.23 12.82
C ASP C 93 34.08 -37.81 14.19
N LYS C 94 35.05 -37.21 14.87
CA LYS C 94 35.50 -37.65 16.22
C LYS C 94 34.29 -37.87 17.15
N ASN C 95 33.45 -36.83 17.25
CA ASN C 95 32.32 -36.79 18.18
C ASN C 95 31.18 -37.65 17.71
N PHE C 96 30.83 -37.50 16.43
CA PHE C 96 29.81 -38.29 15.79
C PHE C 96 30.04 -39.78 15.90
N GLN C 97 31.31 -40.19 15.88
CA GLN C 97 31.63 -41.60 16.11
C GLN C 97 31.27 -42.08 17.53
N ARG C 98 31.39 -41.22 18.56
CA ARG C 98 30.93 -41.57 19.92
C ARG C 98 29.39 -41.49 20.09
N ILE C 99 28.75 -40.60 19.31
CA ILE C 99 27.32 -40.33 19.40
C ILE C 99 26.44 -41.32 18.65
N GLU C 100 26.81 -41.61 17.41
CA GLU C 100 26.01 -42.49 16.59
C GLU C 100 25.67 -43.81 17.32
N PRO C 101 26.63 -44.46 17.98
CA PRO C 101 26.27 -45.61 18.85
C PRO C 101 25.35 -45.32 20.04
N LYS C 102 25.49 -44.17 20.71
CA LYS C 102 24.66 -43.80 21.88
C LYS C 102 23.24 -43.21 21.55
N ARG C 103 22.93 -43.12 20.26
CA ARG C 103 21.77 -42.39 19.80
C ARG C 103 20.41 -42.93 20.30
N LEU C 104 20.31 -44.23 20.59
CA LEU C 104 19.08 -44.82 21.16
C LEU C 104 19.11 -45.00 22.70
N THR C 105 20.09 -44.39 23.36
CA THR C 105 20.22 -44.37 24.82
C THR C 105 19.03 -43.67 25.45
N SER C 106 18.73 -42.46 24.96
CA SER C 106 17.66 -41.64 25.46
C SER C 106 17.13 -40.86 24.29
N LEU C 107 15.86 -40.43 24.38
CA LEU C 107 15.29 -39.56 23.36
C LEU C 107 16.16 -38.32 23.15
N GLN C 108 16.72 -37.83 24.25
CA GLN C 108 17.65 -36.71 24.19
C GLN C 108 18.74 -37.02 23.22
N TYR C 109 19.37 -38.18 23.42
CA TYR C 109 20.50 -38.62 22.59
C TYR C 109 20.09 -38.77 21.15
N PHE C 110 18.94 -39.36 20.90
CA PHE C 110 18.48 -39.41 19.52
C PHE C 110 18.31 -38.02 18.91
N SER C 111 17.79 -37.07 19.70
CA SER C 111 17.60 -35.72 19.22
C SER C 111 18.94 -35.12 18.87
N ILE C 112 19.93 -35.39 19.74
CA ILE C 112 21.29 -34.87 19.47
C ILE C 112 21.80 -35.52 18.16
N TYR C 113 21.70 -36.85 18.05
CA TYR C 113 22.08 -37.58 16.83
C TYR C 113 21.49 -36.95 15.58
N LEU C 114 20.23 -36.54 15.64
CA LEU C 114 19.59 -35.93 14.49
C LEU C 114 20.12 -34.58 14.17
N GLY C 115 20.54 -33.88 15.20
CA GLY C 115 21.29 -32.65 15.01
C GLY C 115 22.55 -32.90 14.18
N TYR C 116 23.27 -33.98 14.49
CA TYR C 116 24.49 -34.31 13.70
C TYR C 116 24.10 -34.54 12.27
N ILE C 117 23.04 -35.31 12.05
CA ILE C 117 22.61 -35.58 10.68
C ILE C 117 22.17 -34.31 9.95
N SER C 118 21.58 -33.38 10.68
CA SER C 118 21.19 -32.11 10.07
C SER C 118 22.42 -31.41 9.56
N ILE C 119 23.47 -31.39 10.39
CA ILE C 119 24.76 -30.81 10.03
C ILE C 119 25.37 -31.51 8.81
N ALA C 120 25.60 -32.83 8.92
CA ALA C 120 26.06 -33.68 7.80
C ALA C 120 25.35 -33.35 6.49
N HIS C 121 24.02 -33.24 6.53
CA HIS C 121 23.28 -32.89 5.32
C HIS C 121 23.71 -31.54 4.78
N HIS C 122 23.79 -30.54 5.66
CA HIS C 122 24.19 -29.20 5.25
C HIS C 122 25.62 -29.09 4.68
N TYR C 123 26.60 -29.77 5.30
CA TYR C 123 27.98 -29.77 4.78
C TYR C 123 28.28 -30.99 3.88
N ASN C 124 27.23 -31.63 3.34
CA ASN C 124 27.36 -32.75 2.39
C ASN C 124 28.17 -33.97 2.85
N ILE C 125 28.36 -34.06 4.17
CA ILE C 125 29.15 -35.13 4.78
C ILE C 125 28.27 -36.36 4.63
N GLU C 126 28.91 -37.50 4.35
CA GLU C 126 28.18 -38.73 4.08
C GLU C 126 28.09 -39.59 5.34
N VAL C 127 26.87 -40.07 5.60
CA VAL C 127 26.50 -40.75 6.84
C VAL C 127 25.68 -41.95 6.45
N PRO C 128 26.33 -42.98 5.89
CA PRO C 128 25.55 -44.10 5.36
C PRO C 128 24.72 -44.79 6.45
N THR C 129 25.27 -44.84 7.68
CA THR C 129 24.58 -45.45 8.82
C THR C 129 23.17 -44.94 8.95
N PHE C 130 23.01 -43.62 8.79
CA PHE C 130 21.71 -42.98 8.84
C PHE C 130 20.70 -43.74 8.03
N ASN C 131 20.90 -43.78 6.71
CA ASN C 131 19.94 -44.41 5.82
C ASN C 131 19.65 -45.84 6.07
N LYS C 132 20.64 -46.56 6.57
CA LYS C 132 20.40 -47.91 6.96
C LYS C 132 19.52 -47.97 8.23
N THR C 133 19.79 -47.13 9.22
CA THR C 133 19.20 -47.32 10.55
C THR C 133 17.86 -46.59 10.80
N ILE C 134 17.71 -45.33 10.36
CA ILE C 134 16.51 -44.55 10.75
C ILE C 134 15.20 -45.30 10.76
N THR C 135 14.81 -45.95 9.67
CA THR C 135 13.49 -46.56 9.66
C THR C 135 13.36 -47.48 10.86
N SER C 136 14.38 -48.32 11.05
CA SER C 136 14.48 -49.19 12.21
C SER C 136 14.49 -48.44 13.55
N ASP C 137 15.22 -47.33 13.62
CA ASP C 137 15.32 -46.54 14.83
C ASP C 137 13.96 -46.02 15.24
N LEU C 138 13.31 -45.34 14.31
CA LEU C 138 12.00 -44.76 14.47
C LEU C 138 11.04 -45.83 14.91
N LYS C 139 11.12 -47.00 14.27
CA LYS C 139 10.28 -48.09 14.66
C LYS C 139 10.54 -48.42 16.12
N HIS C 140 11.80 -48.56 16.50
CA HIS C 140 12.19 -48.88 17.86
C HIS C 140 11.65 -47.87 18.89
N LEU C 141 11.70 -46.62 18.51
CA LEU C 141 11.36 -45.53 19.41
C LEU C 141 9.89 -45.30 19.54
N TYR C 142 9.15 -45.47 18.45
CA TYR C 142 7.78 -45.01 18.36
C TYR C 142 6.70 -46.05 18.13
N ASP C 143 7.06 -47.29 17.79
CA ASP C 143 6.01 -48.25 17.40
C ASP C 143 4.96 -48.50 18.52
N LYS C 144 5.43 -48.55 19.77
CA LYS C 144 4.53 -48.87 20.83
C LYS C 144 4.48 -47.75 21.86
N ARG C 145 4.35 -46.53 21.33
CA ARG C 145 4.27 -45.34 22.16
C ARG C 145 2.86 -44.86 22.21
N THR C 146 2.47 -44.34 23.35
CA THR C 146 1.13 -43.84 23.59
C THR C 146 1.03 -42.39 24.17
N THR C 147 1.95 -42.03 25.09
CA THR C 147 2.14 -40.61 25.46
C THR C 147 3.41 -40.03 24.84
N PHE C 148 3.39 -38.72 24.60
CA PHE C 148 4.54 -38.00 24.09
C PHE C 148 4.91 -36.72 24.83
N PHE C 149 6.19 -36.48 24.83
CA PHE C 149 6.79 -35.49 25.68
C PHE C 149 7.38 -34.44 24.79
N GLY C 150 7.72 -33.30 25.37
CA GLY C 150 8.35 -32.24 24.63
C GLY C 150 9.49 -32.77 23.78
N ILE C 151 10.31 -33.62 24.38
CA ILE C 151 11.42 -34.18 23.61
C ILE C 151 11.00 -34.87 22.32
N ASP C 152 9.87 -35.55 22.30
CA ASP C 152 9.44 -36.16 21.07
C ASP C 152 9.16 -35.12 20.00
N CYS C 153 8.56 -34.02 20.38
CA CYS C 153 8.26 -32.95 19.41
C CYS C 153 9.49 -32.41 18.83
N GLU C 154 10.44 -32.26 19.74
CA GLU C 154 11.73 -31.76 19.38
C GLU C 154 12.32 -32.72 18.36
N ILE C 155 12.24 -34.01 18.66
CA ILE C 155 12.74 -35.01 17.73
C ILE C 155 12.06 -34.85 16.39
N VAL C 156 10.76 -34.67 16.40
CA VAL C 156 10.00 -34.63 15.17
C VAL C 156 10.40 -33.45 14.30
N SER C 157 10.59 -32.29 14.94
CA SER C 157 11.10 -31.11 14.21
C SER C 157 12.40 -31.47 13.52
N ASN C 158 13.28 -32.13 14.27
CA ASN C 158 14.56 -32.57 13.73
C ASN C 158 14.34 -33.46 12.54
N LEU C 159 13.51 -34.48 12.70
CA LEU C 159 13.21 -35.39 11.61
C LEU C 159 12.74 -34.69 10.37
N LEU C 160 11.80 -33.78 10.55
CA LEU C 160 11.22 -33.03 9.43
C LEU C 160 12.27 -32.34 8.64
N ASN C 161 13.38 -32.05 9.32
CA ASN C 161 14.42 -31.26 8.73
C ASN C 161 15.50 -32.14 8.05
N VAL C 162 15.44 -33.46 8.26
CA VAL C 162 16.41 -34.40 7.65
C VAL C 162 15.80 -35.58 6.88
N LEU C 163 14.48 -35.56 6.69
CA LEU C 163 13.76 -36.65 6.02
C LEU C 163 12.64 -36.09 5.20
N PRO C 164 12.17 -36.85 4.21
CA PRO C 164 10.95 -36.45 3.55
C PRO C 164 9.76 -36.45 4.50
N TYR C 165 8.80 -35.60 4.22
CA TYR C 165 7.62 -35.45 5.07
C TYR C 165 6.89 -36.75 5.33
N GLU C 166 6.83 -37.60 4.30
CA GLU C 166 5.99 -38.80 4.37
C GLU C 166 6.57 -39.79 5.36
N GLU C 167 7.90 -39.86 5.42
CA GLU C 167 8.53 -40.69 6.42
C GLU C 167 8.34 -40.22 7.87
N VAL C 168 7.92 -38.97 8.05
CA VAL C 168 7.72 -38.42 9.39
C VAL C 168 6.26 -38.38 9.82
N SER C 169 5.33 -38.18 8.86
CA SER C 169 3.95 -37.78 9.20
C SER C 169 3.25 -38.75 10.11
N SER C 170 3.48 -40.03 9.87
CA SER C 170 2.95 -41.09 10.72
C SER C 170 3.29 -40.88 12.20
N ILE C 171 4.53 -40.47 12.47
CA ILE C 171 5.01 -40.21 13.84
C ILE C 171 4.36 -38.95 14.47
N ILE C 172 4.07 -37.99 13.61
CA ILE C 172 3.49 -36.74 14.08
C ILE C 172 2.07 -36.90 14.55
N LYS C 173 1.23 -37.44 13.66
CA LYS C 173 -0.23 -37.48 13.88
C LYS C 173 -0.74 -37.89 15.27
N PRO C 174 -0.25 -39.01 15.84
CA PRO C 174 -0.65 -39.37 17.18
C PRO C 174 -0.25 -38.45 18.35
N MET C 175 0.59 -37.43 18.11
CA MET C 175 1.00 -36.46 19.14
C MET C 175 0.09 -35.26 19.25
N TYR C 176 -0.78 -35.09 18.28
CA TYR C 176 -1.76 -34.01 18.32
C TYR C 176 -3.16 -34.63 18.29
N PRO C 177 -4.14 -33.92 18.80
CA PRO C 177 -4.10 -32.62 19.40
C PRO C 177 -3.58 -32.57 20.81
N ILE C 178 -2.89 -31.48 21.14
CA ILE C 178 -2.39 -31.24 22.50
C ILE C 178 -3.59 -30.82 23.32
N VAL C 179 -3.60 -31.17 24.59
CA VAL C 179 -4.65 -30.70 25.48
C VAL C 179 -4.16 -30.09 26.80
N ASP C 180 -2.87 -30.11 27.07
CA ASP C 180 -2.32 -29.51 28.28
C ASP C 180 -1.03 -28.81 28.00
N SER C 181 -0.83 -27.68 28.66
CA SER C 181 0.46 -27.02 28.72
C SER C 181 1.24 -27.66 29.87
N PHE C 182 2.54 -27.85 29.69
CA PHE C 182 3.43 -28.23 30.80
C PHE C 182 4.59 -27.23 30.88
N GLY C 183 4.25 -25.95 30.74
CA GLY C 183 5.19 -24.86 30.89
C GLY C 183 5.51 -24.26 29.55
N LYS C 184 6.15 -23.12 29.60
CA LYS C 184 6.48 -22.39 28.39
C LYS C 184 7.50 -23.16 27.54
N ASP C 185 8.44 -23.85 28.19
CA ASP C 185 9.44 -24.67 27.48
C ASP C 185 8.67 -25.67 26.65
N TYR C 186 7.82 -26.48 27.28
CA TYR C 186 7.00 -27.49 26.61
C TYR C 186 6.19 -26.85 25.49
N ASP C 187 5.54 -25.75 25.81
CA ASP C 187 4.62 -25.10 24.92
C ASP C 187 5.31 -24.68 23.63
N LEU C 188 6.55 -24.25 23.76
CA LEU C 188 7.26 -23.81 22.61
C LEU C 188 7.57 -24.96 21.71
N THR C 189 7.95 -26.08 22.29
CA THR C 189 8.36 -27.18 21.49
C THR C 189 7.24 -27.66 20.62
N ILE C 190 6.11 -27.93 21.24
CA ILE C 190 4.94 -28.37 20.49
C ILE C 190 4.47 -27.38 19.42
N GLN C 191 4.78 -26.09 19.54
CA GLN C 191 4.45 -25.15 18.46
C GLN C 191 5.48 -25.26 17.33
N THR C 192 6.75 -25.49 17.68
CA THR C 192 7.79 -25.50 16.66
C THR C 192 7.49 -26.56 15.57
N VAL C 193 7.03 -27.72 16.01
CA VAL C 193 6.66 -28.80 15.12
C VAL C 193 5.60 -28.37 14.11
N LEU C 194 4.58 -27.70 14.63
CA LEU C 194 3.48 -27.23 13.81
C LEU C 194 3.97 -26.29 12.79
N LYS C 195 4.79 -25.36 13.22
CA LYS C 195 5.27 -24.35 12.30
C LYS C 195 6.06 -24.99 11.16
N ASN C 196 7.01 -25.85 11.50
CA ASN C 196 7.86 -26.49 10.51
C ASN C 196 7.06 -27.32 9.56
N ALA C 197 6.12 -28.07 10.12
CA ALA C 197 5.30 -28.97 9.36
C ALA C 197 4.44 -28.19 8.40
N LEU C 198 3.83 -27.14 8.91
CA LEU C 198 3.01 -26.29 8.05
C LEU C 198 3.83 -25.71 6.91
N THR C 199 5.04 -25.23 7.21
CA THR C 199 5.90 -24.67 6.18
C THR C 199 6.14 -25.70 5.07
N ILE C 200 6.49 -26.91 5.48
CA ILE C 200 6.72 -27.97 4.54
C ILE C 200 5.48 -28.28 3.71
N SER C 201 4.34 -28.42 4.34
CA SER C 201 3.13 -28.74 3.62
C SER C 201 2.84 -27.70 2.54
N ILE C 202 2.88 -26.43 2.94
CA ILE C 202 2.68 -25.29 2.05
C ILE C 202 3.68 -25.42 0.91
N MET C 203 4.95 -25.61 1.23
CA MET C 203 5.99 -25.74 0.21
C MET C 203 5.75 -26.84 -0.80
N ASN C 204 5.12 -27.91 -0.33
CA ASN C 204 4.80 -29.06 -1.14
C ASN C 204 3.45 -28.94 -1.82
N ARG C 205 2.78 -27.81 -1.62
CA ARG C 205 1.41 -27.59 -2.06
C ARG C 205 0.42 -28.63 -1.52
N ASN C 206 0.79 -29.29 -0.44
CA ASN C 206 -0.07 -30.24 0.20
C ASN C 206 -1.04 -29.53 1.12
N LEU C 207 -2.15 -29.10 0.54
CA LEU C 207 -3.06 -28.21 1.26
C LEU C 207 -3.89 -28.89 2.32
N LYS C 208 -4.08 -30.19 2.22
CA LYS C 208 -4.85 -30.90 3.22
C LYS C 208 -4.03 -30.95 4.50
N GLU C 209 -2.78 -31.38 4.44
CA GLU C 209 -1.94 -31.40 5.62
C GLU C 209 -1.73 -29.99 6.14
N ALA C 210 -1.54 -29.04 5.22
CA ALA C 210 -1.39 -27.65 5.58
C ALA C 210 -2.53 -27.22 6.49
N GLN C 211 -3.74 -27.44 6.05
CA GLN C 211 -4.85 -27.01 6.88
C GLN C 211 -4.92 -27.72 8.22
N TYR C 212 -4.46 -28.98 8.25
CA TYR C 212 -4.45 -29.73 9.49
C TYR C 212 -3.54 -29.02 10.48
N TYR C 213 -2.35 -28.65 10.03
CA TYR C 213 -1.42 -28.00 10.92
C TYR C 213 -1.94 -26.67 11.38
N ILE C 214 -2.57 -25.92 10.48
CA ILE C 214 -3.18 -24.63 10.91
C ILE C 214 -4.20 -24.84 12.00
N ASN C 215 -4.94 -25.94 11.90
CA ASN C 215 -5.99 -26.15 12.84
C ASN C 215 -5.41 -26.58 14.14
N GLN C 216 -4.40 -27.45 14.10
CA GLN C 216 -3.74 -27.85 15.30
C GLN C 216 -3.16 -26.70 16.05
N PHE C 217 -2.60 -25.73 15.33
CA PHE C 217 -2.07 -24.53 15.99
C PHE C 217 -3.15 -23.68 16.59
N GLU C 218 -4.24 -23.47 15.83
CA GLU C 218 -5.33 -22.66 16.38
C GLU C 218 -5.95 -23.34 17.58
N HIS C 219 -5.87 -24.66 17.61
CA HIS C 219 -6.40 -25.37 18.73
C HIS C 219 -5.57 -25.06 19.94
N LEU C 220 -4.25 -24.97 19.78
CA LEU C 220 -3.40 -24.69 20.93
C LEU C 220 -3.86 -23.48 21.63
N LYS C 221 -4.33 -22.50 20.87
CA LYS C 221 -4.70 -21.23 21.47
C LYS C 221 -5.80 -21.39 22.52
N THR C 222 -6.61 -22.40 22.41
CA THR C 222 -7.69 -22.53 23.38
C THR C 222 -7.25 -23.26 24.65
N ILE C 223 -6.04 -23.82 24.66
CA ILE C 223 -5.52 -24.54 25.84
C ILE C 223 -5.26 -23.58 27.02
N LYS C 224 -5.57 -24.08 28.20
CA LYS C 224 -5.52 -23.32 29.43
C LYS C 224 -4.08 -23.10 29.87
N ASN C 225 -3.70 -21.85 30.10
CA ASN C 225 -2.33 -21.48 30.42
C ASN C 225 -1.34 -21.72 29.29
N ILE C 226 -1.84 -21.94 28.07
CA ILE C 226 -0.95 -22.18 26.95
C ILE C 226 -0.22 -20.90 26.78
N SER C 227 0.92 -20.95 26.12
CA SER C 227 1.76 -19.78 25.93
C SER C 227 2.18 -19.69 24.49
N ILE C 228 1.43 -18.96 23.68
CA ILE C 228 1.69 -18.91 22.27
C ILE C 228 2.84 -17.97 21.92
N ASN C 229 3.75 -18.45 21.10
CA ASN C 229 4.83 -17.64 20.64
C ASN C 229 4.31 -16.72 19.58
N GLY C 230 4.40 -15.43 19.84
CA GLY C 230 3.95 -14.40 18.89
C GLY C 230 4.65 -14.38 17.54
N TYR C 231 5.97 -14.63 17.48
CA TYR C 231 6.66 -14.69 16.19
C TYR C 231 6.12 -15.84 15.33
N TYR C 232 5.89 -16.97 15.98
CA TYR C 232 5.18 -18.08 15.41
C TYR C 232 3.77 -17.74 14.98
N ASP C 233 3.05 -17.05 15.83
CA ASP C 233 1.70 -16.74 15.53
C ASP C 233 1.77 -15.99 14.20
N LEU C 234 2.68 -15.04 14.10
CA LEU C 234 2.82 -14.22 12.90
C LEU C 234 3.17 -14.99 11.66
N GLU C 235 4.17 -15.85 11.80
CA GLU C 235 4.67 -16.61 10.69
C GLU C 235 3.69 -17.64 10.17
N ILE C 236 3.04 -18.30 11.11
CA ILE C 236 1.96 -19.21 10.80
C ILE C 236 0.84 -18.47 10.15
N ASN C 237 0.57 -17.27 10.62
CA ASN C 237 -0.46 -16.49 10.01
C ASN C 237 -0.12 -16.13 8.58
N TYR C 238 1.13 -15.81 8.35
CA TYR C 238 1.60 -15.60 6.99
C TYR C 238 1.32 -16.84 6.10
N LEU C 239 1.54 -18.04 6.66
CA LEU C 239 1.33 -19.29 5.94
C LEU C 239 -0.15 -19.59 5.69
N LYS C 240 -1.00 -19.24 6.64
CA LYS C 240 -2.46 -19.29 6.48
C LYS C 240 -2.91 -18.42 5.30
N GLN C 241 -2.19 -17.31 5.17
CA GLN C 241 -2.45 -16.31 4.19
C GLN C 241 -2.02 -16.82 2.80
N ILE C 242 -0.90 -17.51 2.73
CA ILE C 242 -0.54 -18.23 1.50
C ILE C 242 -1.53 -19.32 1.21
N TYR C 243 -1.94 -20.05 2.22
CA TYR C 243 -2.81 -21.16 2.02
C TYR C 243 -4.07 -20.70 1.31
N GLN C 244 -4.69 -19.66 1.83
CA GLN C 244 -5.88 -19.10 1.23
C GLN C 244 -5.61 -18.68 -0.18
N PHE C 245 -4.40 -18.20 -0.44
CA PHE C 245 -4.00 -17.84 -1.81
C PHE C 245 -3.87 -19.01 -2.75
N LEU C 246 -3.31 -20.10 -2.28
CA LEU C 246 -3.16 -21.28 -3.08
C LEU C 246 -4.50 -21.98 -3.30
N THR C 247 -5.38 -21.97 -2.31
CA THR C 247 -6.66 -22.58 -2.53
C THR C 247 -7.52 -21.76 -3.50
N ASP C 248 -7.44 -20.43 -3.45
CA ASP C 248 -8.43 -19.56 -4.07
C ASP C 248 -7.82 -18.46 -4.94
N LYS C 249 -6.61 -18.65 -5.43
CA LYS C 249 -5.76 -17.57 -5.97
C LYS C 249 -6.30 -16.13 -5.72
N ASN C 250 -6.23 -15.69 -4.49
CA ASN C 250 -6.94 -14.49 -4.12
C ASN C 250 -5.99 -13.40 -3.65
N ILE C 251 -6.16 -12.20 -4.18
CA ILE C 251 -5.06 -11.24 -4.14
C ILE C 251 -4.84 -10.63 -2.75
N ASP C 252 -5.92 -10.40 -1.99
CA ASP C 252 -5.75 -9.80 -0.67
C ASP C 252 -4.91 -10.73 0.17
N SER C 253 -5.12 -12.03 0.03
CA SER C 253 -4.33 -12.98 0.79
C SER C 253 -2.87 -12.85 0.44
N TYR C 254 -2.57 -12.74 -0.85
CA TYR C 254 -1.18 -12.54 -1.24
C TYR C 254 -0.60 -11.26 -0.65
N LEU C 255 -1.32 -10.14 -0.78
CA LEU C 255 -0.85 -8.89 -0.20
C LEU C 255 -0.65 -8.97 1.31
N ASN C 256 -1.55 -9.61 2.03
CA ASN C 256 -1.36 -9.83 3.46
C ASN C 256 -0.12 -10.61 3.79
N ALA C 257 0.09 -11.69 3.04
CA ALA C 257 1.28 -12.47 3.25
C ALA C 257 2.51 -11.59 3.09
N VAL C 258 2.56 -10.77 2.04
CA VAL C 258 3.66 -9.85 1.80
C VAL C 258 3.78 -8.84 2.95
N ASN C 259 2.64 -8.42 3.43
CA ASN C 259 2.58 -7.50 4.49
C ASN C 259 3.23 -8.04 5.77
N ILE C 260 2.95 -9.30 6.05
CA ILE C 260 3.50 -9.94 7.23
C ILE C 260 5.02 -10.05 7.11
N ILE C 261 5.47 -10.39 5.90
CA ILE C 261 6.91 -10.53 5.61
C ILE C 261 7.58 -9.22 5.96
N ASN C 262 6.93 -8.14 5.55
CA ASN C 262 7.53 -6.87 5.81
C ASN C 262 7.57 -6.53 7.26
N ILE C 263 6.57 -6.97 8.00
CA ILE C 263 6.50 -6.66 9.41
C ILE C 263 7.64 -7.25 10.12
N PHE C 264 7.98 -8.49 9.79
CA PHE C 264 9.20 -9.09 10.34
C PHE C 264 10.46 -8.22 10.09
N LYS C 265 10.61 -7.68 8.88
CA LYS C 265 11.73 -6.78 8.62
C LYS C 265 11.65 -5.54 9.46
N ILE C 266 10.50 -4.91 9.49
CA ILE C 266 10.31 -3.74 10.31
C ILE C 266 10.69 -3.94 11.75
N ILE C 267 10.48 -5.11 12.34
CA ILE C 267 10.76 -5.28 13.76
C ILE C 267 12.12 -5.90 13.96
N GLY C 268 12.86 -6.03 12.90
CA GLY C 268 14.22 -6.40 12.97
C GLY C 268 14.47 -7.87 13.02
N LYS C 269 13.52 -8.69 12.62
CA LYS C 269 13.68 -10.15 12.68
C LYS C 269 14.12 -10.69 11.28
N GLU C 270 15.40 -10.39 10.95
CA GLU C 270 16.03 -10.55 9.63
C GLU C 270 16.10 -11.99 9.21
N ASP C 271 16.46 -12.83 10.18
CA ASP C 271 16.40 -14.29 10.06
C ASP C 271 15.10 -14.68 9.37
N ILE C 272 14.01 -14.30 9.99
CA ILE C 272 12.72 -14.76 9.55
C ILE C 272 12.41 -14.07 8.20
N HIS C 273 12.60 -12.76 8.14
CA HIS C 273 12.39 -12.02 6.93
C HIS C 273 13.01 -12.72 5.70
N ARG C 274 14.23 -13.18 5.88
CA ARG C 274 14.97 -13.84 4.83
C ARG C 274 14.32 -15.10 4.37
N SER C 275 13.89 -15.95 5.30
CA SER C 275 13.33 -17.22 4.89
C SER C 275 11.96 -17.04 4.27
N LEU C 276 11.19 -16.09 4.75
CA LEU C 276 9.86 -15.87 4.23
C LEU C 276 9.92 -15.27 2.83
N VAL C 277 10.82 -14.31 2.63
CA VAL C 277 11.09 -13.76 1.32
C VAL C 277 11.40 -14.87 0.29
N GLU C 278 12.28 -15.76 0.71
CA GLU C 278 12.67 -16.91 -0.08
C GLU C 278 11.51 -17.82 -0.40
N GLU C 279 10.75 -18.19 0.63
CA GLU C 279 9.62 -19.05 0.40
C GLU C 279 8.71 -18.43 -0.58
N LEU C 280 8.33 -17.19 -0.32
CA LEU C 280 7.32 -16.55 -1.10
C LEU C 280 7.77 -16.55 -2.54
N THR C 281 9.05 -16.31 -2.76
CA THR C 281 9.64 -16.33 -4.09
C THR C 281 9.39 -17.63 -4.82
N LYS C 282 9.64 -18.71 -4.10
CA LYS C 282 9.51 -20.08 -4.61
C LYS C 282 8.08 -20.48 -4.88
N ILE C 283 7.24 -20.18 -3.91
CA ILE C 283 5.83 -20.41 -3.99
C ILE C 283 5.26 -19.63 -5.20
N SER C 284 5.76 -18.43 -5.41
CA SER C 284 5.32 -17.57 -6.50
C SER C 284 5.73 -18.17 -7.84
N ALA C 285 7.01 -18.51 -7.93
CA ALA C 285 7.55 -19.27 -9.06
C ALA C 285 6.66 -20.43 -9.43
N LYS C 286 6.41 -21.29 -8.46
CA LYS C 286 5.53 -22.43 -8.66
C LYS C 286 4.17 -22.08 -9.22
N GLU C 287 3.55 -21.00 -8.74
CA GLU C 287 2.23 -20.61 -9.28
C GLU C 287 2.33 -19.71 -10.51
N LYS C 288 3.53 -19.63 -11.11
CA LYS C 288 3.78 -18.87 -12.34
C LYS C 288 3.40 -17.42 -12.12
N PHE C 289 4.30 -16.69 -11.43
CA PHE C 289 3.94 -15.51 -10.66
C PHE C 289 5.17 -14.81 -10.19
N THR C 290 5.14 -13.51 -10.24
CA THR C 290 6.33 -12.78 -9.87
C THR C 290 6.03 -11.89 -8.67
N PRO C 291 6.75 -12.11 -7.58
CA PRO C 291 6.43 -11.32 -6.40
C PRO C 291 6.72 -9.83 -6.58
N PRO C 292 6.30 -9.01 -5.61
CA PRO C 292 6.50 -7.60 -5.78
C PRO C 292 8.00 -7.36 -5.86
N LYS C 293 8.41 -6.35 -6.61
CA LYS C 293 9.84 -6.06 -6.87
C LYS C 293 10.49 -5.83 -5.53
N GLU C 294 9.75 -5.14 -4.66
CA GLU C 294 10.17 -4.94 -3.29
C GLU C 294 10.79 -6.24 -2.72
N VAL C 295 10.12 -7.39 -2.84
CA VAL C 295 10.65 -8.63 -2.17
C VAL C 295 11.67 -9.35 -3.01
N THR C 296 11.60 -9.26 -4.33
CA THR C 296 12.65 -9.87 -5.12
C THR C 296 14.00 -9.14 -4.97
N MET C 297 14.03 -7.98 -4.32
CA MET C 297 15.28 -7.25 -3.95
C MET C 297 16.06 -7.88 -2.82
N TYR C 298 15.35 -8.17 -1.74
CA TYR C 298 15.94 -8.87 -0.61
C TYR C 298 16.30 -10.29 -0.95
N TYR C 299 15.58 -10.92 -1.84
CA TYR C 299 15.91 -12.30 -2.17
C TYR C 299 17.28 -12.41 -2.83
N GLU C 300 17.55 -11.49 -3.76
CA GLU C 300 18.84 -11.38 -4.39
C GLU C 300 19.90 -10.91 -3.39
N ASN C 301 19.63 -9.82 -2.66
CA ASN C 301 20.67 -9.29 -1.76
C ASN C 301 20.89 -9.99 -0.41
N TYR C 302 20.04 -10.94 -0.03
CA TYR C 302 20.36 -11.85 1.08
C TYR C 302 21.31 -12.92 0.61
N VAL C 303 21.18 -13.29 -0.66
CA VAL C 303 21.93 -14.38 -1.26
C VAL C 303 23.36 -13.96 -1.69
N PHE D 2 4.02 -32.31 43.50
CA PHE D 2 3.77 -33.24 44.60
C PHE D 2 3.83 -34.74 44.17
N LYS D 3 3.22 -35.14 43.03
CA LYS D 3 3.21 -36.55 42.56
C LYS D 3 4.35 -36.95 41.59
N ILE D 4 5.59 -36.65 41.93
CA ILE D 4 6.66 -36.76 40.94
C ILE D 4 6.99 -38.19 40.62
N GLY D 5 6.93 -39.01 41.65
CA GLY D 5 7.26 -40.42 41.54
C GLY D 5 6.45 -41.14 40.48
N SER D 6 5.16 -40.90 40.48
CA SER D 6 4.29 -41.50 39.52
C SER D 6 4.63 -41.06 38.13
N VAL D 7 5.06 -39.81 38.02
CA VAL D 7 5.39 -39.26 36.73
C VAL D 7 6.66 -39.93 36.21
N LEU D 8 7.58 -40.13 37.14
CA LEU D 8 8.80 -40.84 36.82
C LEU D 8 8.48 -42.24 36.35
N LYS D 9 7.60 -42.93 37.04
CA LYS D 9 7.18 -44.27 36.67
C LYS D 9 6.59 -44.25 35.25
N GLN D 10 5.62 -43.37 35.03
CA GLN D 10 4.86 -43.26 33.77
C GLN D 10 5.82 -43.09 32.62
N ILE D 11 6.77 -42.17 32.80
CA ILE D 11 7.75 -41.88 31.79
C ILE D 11 8.71 -43.05 31.57
N ARG D 12 9.10 -43.66 32.68
CA ARG D 12 10.02 -44.79 32.68
C ARG D 12 9.44 -45.87 31.80
N GLN D 13 8.24 -46.27 32.15
CA GLN D 13 7.56 -47.34 31.49
C GLN D 13 7.26 -46.99 30.04
N GLU D 14 6.90 -45.76 29.80
CA GLU D 14 6.61 -45.36 28.44
C GLU D 14 7.80 -45.64 27.52
N LEU D 15 8.99 -45.40 28.04
CA LEU D 15 10.22 -45.48 27.28
C LEU D 15 10.87 -46.88 27.40
N ASN D 16 10.23 -47.76 28.18
CA ASN D 16 10.68 -49.12 28.43
C ASN D 16 12.03 -49.15 29.02
N TYR D 17 12.19 -48.35 30.08
CA TYR D 17 13.31 -48.47 30.95
C TYR D 17 12.87 -49.31 32.12
N HIS D 18 13.83 -49.91 32.80
CA HIS D 18 13.60 -50.64 34.03
C HIS D 18 14.11 -49.79 35.17
N GLN D 19 13.60 -50.08 36.35
CA GLN D 19 13.96 -49.33 37.55
C GLN D 19 15.46 -49.09 37.67
N ILE D 20 16.22 -50.14 37.40
CA ILE D 20 17.68 -50.15 37.56
C ILE D 20 18.33 -49.12 36.65
N ASP D 21 17.75 -48.89 35.48
CA ASP D 21 18.24 -47.88 34.56
C ASP D 21 18.18 -46.51 35.16
N LEU D 22 17.20 -46.28 36.03
CA LEU D 22 17.09 -44.98 36.70
C LEU D 22 17.93 -44.90 37.97
N TYR D 23 17.72 -45.84 38.89
CA TYR D 23 18.28 -45.72 40.23
C TYR D 23 19.75 -46.06 40.39
N SER D 24 20.32 -46.82 39.45
CA SER D 24 21.69 -47.35 39.66
C SER D 24 22.76 -46.28 39.76
N GLY D 25 23.43 -46.21 40.89
CA GLY D 25 24.43 -45.21 41.13
C GLY D 25 23.81 -43.93 41.60
N ILE D 26 22.57 -44.02 42.07
CA ILE D 26 21.82 -42.85 42.54
C ILE D 26 21.17 -43.22 43.87
N MET D 27 20.53 -44.38 43.93
CA MET D 27 19.93 -44.87 45.15
C MET D 27 19.71 -46.38 45.11
N SER D 28 19.43 -46.97 46.27
CA SER D 28 19.13 -48.38 46.34
C SER D 28 17.80 -48.66 45.65
N LYS D 29 17.65 -49.88 45.15
CA LYS D 29 16.43 -50.33 44.51
C LYS D 29 15.20 -50.07 45.39
N SER D 30 15.28 -50.40 46.68
CA SER D 30 14.12 -50.28 47.59
C SER D 30 13.75 -48.81 47.78
N VAL D 31 14.78 -47.97 47.93
CA VAL D 31 14.61 -46.53 48.11
C VAL D 31 13.85 -46.00 46.93
N TYR D 32 14.39 -46.28 45.75
CA TYR D 32 13.79 -45.84 44.52
C TYR D 32 12.32 -46.25 44.43
N ILE D 33 11.98 -47.43 44.91
CA ILE D 33 10.59 -47.90 44.85
C ILE D 33 9.68 -47.01 45.67
N LYS D 34 10.20 -46.53 46.80
CA LYS D 34 9.49 -45.59 47.67
C LYS D 34 9.35 -44.21 47.00
N VAL D 35 10.42 -43.77 46.34
CA VAL D 35 10.37 -42.56 45.54
C VAL D 35 9.25 -42.63 44.52
N GLU D 36 9.27 -43.69 43.73
CA GLU D 36 8.35 -43.91 42.64
C GLU D 36 6.92 -44.11 43.14
N ALA D 37 6.79 -44.58 44.37
CA ALA D 37 5.51 -44.68 45.08
C ALA D 37 4.99 -43.37 45.66
N ASP D 38 5.79 -42.33 45.58
CA ASP D 38 5.50 -41.04 46.18
C ASP D 38 5.46 -41.14 47.72
N SER D 39 6.12 -42.16 48.26
CA SER D 39 6.22 -42.37 49.72
C SER D 39 7.47 -41.75 50.32
N ARG D 40 8.52 -41.63 49.53
CA ARG D 40 9.70 -40.86 49.93
C ARG D 40 9.81 -39.58 49.09
N PRO D 41 10.22 -38.46 49.71
CA PRO D 41 10.34 -37.23 48.92
C PRO D 41 11.64 -37.29 48.13
N ILE D 42 11.74 -36.48 47.10
CA ILE D 42 12.83 -36.61 46.15
C ILE D 42 13.58 -35.29 46.02
N SER D 43 14.89 -35.37 46.12
CA SER D 43 15.69 -34.19 46.09
C SER D 43 15.74 -33.70 44.66
N VAL D 44 15.83 -32.38 44.54
CA VAL D 44 16.05 -31.74 43.23
C VAL D 44 17.16 -32.44 42.48
N GLU D 45 18.24 -32.74 43.18
CA GLU D 45 19.38 -33.28 42.50
C GLU D 45 19.11 -34.67 41.95
N GLU D 46 18.41 -35.49 42.74
CA GLU D 46 18.07 -36.82 42.26
C GLU D 46 17.17 -36.70 41.04
N LEU D 47 16.14 -35.87 41.17
CA LEU D 47 15.16 -35.70 40.11
C LEU D 47 15.85 -35.24 38.84
N SER D 48 16.82 -34.36 39.01
CA SER D 48 17.55 -33.87 37.88
C SER D 48 18.27 -35.05 37.23
N LYS D 49 18.92 -35.85 38.07
CA LYS D 49 19.68 -36.98 37.52
C LYS D 49 18.72 -37.87 36.73
N PHE D 50 17.58 -38.25 37.31
CA PHE D 50 16.60 -39.11 36.65
C PHE D 50 16.09 -38.52 35.36
N SER D 51 15.86 -37.23 35.39
CA SER D 51 15.46 -36.51 34.24
C SER D 51 16.45 -36.74 33.09
N GLU D 52 17.74 -36.64 33.38
CA GLU D 52 18.78 -36.97 32.36
C GLU D 52 18.63 -38.38 31.77
N ARG D 53 18.32 -39.33 32.64
CA ARG D 53 18.32 -40.73 32.27
C ARG D 53 17.18 -41.02 31.33
N LEU D 54 16.02 -40.44 31.63
CA LEU D 54 14.83 -40.64 30.80
C LEU D 54 14.97 -39.94 29.43
N GLY D 55 15.61 -38.77 29.51
CA GLY D 55 15.79 -37.93 28.36
C GLY D 55 14.72 -36.85 28.23
N VAL D 56 13.78 -36.78 29.17
CA VAL D 56 12.78 -35.69 29.13
C VAL D 56 13.17 -34.62 30.12
N ASN D 57 12.68 -33.44 29.86
CA ASN D 57 13.19 -32.26 30.47
C ASN D 57 12.76 -32.14 31.91
N PHE D 58 13.69 -31.73 32.75
CA PHE D 58 13.44 -31.50 34.18
C PHE D 58 12.17 -30.72 34.40
N PHE D 59 12.02 -29.58 33.74
CA PHE D 59 10.88 -28.74 34.06
C PHE D 59 9.57 -29.36 33.58
N GLU D 60 9.63 -30.04 32.44
CA GLU D 60 8.44 -30.69 31.93
C GLU D 60 7.97 -31.66 32.96
N ILE D 61 8.89 -32.42 33.55
CA ILE D 61 8.50 -33.42 34.52
C ILE D 61 7.84 -32.74 35.69
N LEU D 62 8.48 -31.74 36.26
CA LEU D 62 7.86 -31.00 37.35
C LEU D 62 6.47 -30.48 37.04
N ASN D 63 6.28 -30.05 35.80
CA ASN D 63 5.00 -29.56 35.38
C ASN D 63 3.98 -30.63 35.23
N ARG D 64 4.39 -31.79 34.74
CA ARG D 64 3.53 -32.96 34.65
C ARG D 64 3.19 -33.49 36.06
N ALA D 65 4.08 -33.27 36.99
CA ALA D 65 3.84 -33.67 38.35
C ALA D 65 2.92 -32.73 39.05
N GLY D 66 2.41 -31.71 38.37
CA GLY D 66 1.35 -30.84 38.92
C GLY D 66 1.75 -29.43 39.32
N MET D 67 2.92 -28.96 38.88
CA MET D 67 3.34 -27.58 39.14
C MET D 67 2.93 -26.59 38.05
N ASN D 68 2.56 -27.11 36.87
CA ASN D 68 1.88 -26.31 35.82
C ASN D 68 0.60 -25.58 36.34
N THR D 69 -0.21 -26.27 37.15
CA THR D 69 -1.33 -25.64 37.87
C THR D 69 -0.74 -24.72 38.92
N LYS D 70 -1.15 -23.44 38.87
CA LYS D 70 -0.75 -22.45 39.90
C LYS D 70 -1.67 -22.50 41.15
N SER D 71 -1.80 -23.70 41.75
CA SER D 71 -2.86 -24.05 42.72
C SER D 71 -2.43 -24.91 43.90
N VAL D 72 -1.40 -25.73 43.75
CA VAL D 72 -1.04 -26.72 44.77
C VAL D 72 -0.58 -26.12 46.10
N ASN D 73 -0.47 -24.79 46.18
CA ASN D 73 -0.24 -24.12 47.45
C ASN D 73 -1.18 -22.95 47.67
N GLU D 74 -1.13 -22.43 48.88
CA GLU D 74 -2.12 -21.47 49.34
C GLU D 74 -2.12 -20.18 48.55
N THR D 75 -0.93 -19.65 48.34
CA THR D 75 -0.77 -18.44 47.56
C THR D 75 -1.25 -18.63 46.11
N GLY D 76 -0.96 -19.80 45.56
CA GLY D 76 -1.44 -20.15 44.23
C GLY D 76 -2.93 -19.98 44.13
N LYS D 77 -3.64 -20.62 45.05
CA LYS D 77 -5.10 -20.55 45.10
C LYS D 77 -5.60 -19.11 45.14
N GLU D 78 -5.02 -18.33 46.05
CA GLU D 78 -5.35 -16.92 46.20
C GLU D 78 -5.15 -16.05 44.96
N LYS D 79 -4.23 -16.47 44.10
CA LYS D 79 -3.97 -15.80 42.83
C LYS D 79 -5.06 -16.19 41.84
N LEU D 80 -5.42 -17.47 41.78
CA LEU D 80 -6.51 -17.93 40.90
C LEU D 80 -7.85 -17.26 41.24
N LEU D 81 -8.09 -17.11 42.53
CA LEU D 81 -9.22 -16.34 43.06
C LEU D 81 -9.51 -15.02 42.37
N ILE D 82 -8.47 -14.36 41.92
CA ILE D 82 -8.60 -13.01 41.40
C ILE D 82 -9.48 -12.95 40.15
N SER D 83 -9.23 -13.80 39.17
CA SER D 83 -10.02 -13.79 37.94
C SER D 83 -11.50 -14.12 38.19
N LYS D 84 -11.74 -15.01 39.16
CA LYS D 84 -13.07 -15.25 39.63
C LYS D 84 -13.66 -13.91 40.09
N ILE D 85 -13.03 -13.29 41.09
CA ILE D 85 -13.53 -12.05 41.72
C ILE D 85 -13.67 -10.90 40.75
N PHE D 86 -12.95 -10.98 39.64
CA PHE D 86 -13.06 -10.00 38.57
C PHE D 86 -14.42 -10.14 37.89
N THR D 87 -14.70 -11.33 37.40
CA THR D 87 -15.94 -11.59 36.70
C THR D 87 -17.20 -11.54 37.62
N ASN D 88 -17.03 -11.62 38.94
CA ASN D 88 -18.13 -11.46 39.89
C ASN D 88 -17.70 -10.62 41.11
N PRO D 89 -17.56 -9.30 40.93
CA PRO D 89 -17.20 -8.40 42.01
C PRO D 89 -17.98 -8.56 43.31
N ASP D 90 -19.17 -9.16 43.26
CA ASP D 90 -19.86 -9.62 44.45
C ASP D 90 -18.88 -10.17 45.50
N LEU D 91 -17.98 -11.05 45.06
CA LEU D 91 -17.07 -11.77 45.96
C LEU D 91 -16.01 -10.90 46.63
N PHE D 92 -15.78 -9.73 46.06
CA PHE D 92 -14.74 -8.85 46.51
C PHE D 92 -14.67 -8.76 48.03
N ASP D 93 -15.62 -8.06 48.63
CA ASP D 93 -15.52 -7.58 50.02
C ASP D 93 -15.06 -8.67 51.01
N LYS D 94 -15.73 -9.81 50.95
CA LYS D 94 -15.42 -10.98 51.78
C LYS D 94 -13.94 -11.32 51.76
N ASN D 95 -13.43 -11.51 50.53
CA ASN D 95 -12.06 -11.97 50.30
C ASN D 95 -11.06 -10.88 50.59
N PHE D 96 -11.33 -9.70 50.04
CA PHE D 96 -10.47 -8.57 50.22
C PHE D 96 -10.25 -8.28 51.68
N GLN D 97 -11.27 -8.49 52.51
CA GLN D 97 -11.11 -8.29 53.95
C GLN D 97 -10.06 -9.21 54.53
N ARG D 98 -9.98 -10.43 54.01
CA ARG D 98 -8.92 -11.37 54.38
C ARG D 98 -7.53 -11.04 53.85
N ILE D 99 -7.50 -10.48 52.64
CA ILE D 99 -6.24 -10.22 51.92
C ILE D 99 -5.58 -8.91 52.31
N GLU D 100 -6.35 -7.85 52.46
CA GLU D 100 -5.82 -6.54 52.82
C GLU D 100 -4.87 -6.63 53.99
N PRO D 101 -5.24 -7.30 55.08
CA PRO D 101 -4.26 -7.45 56.18
C PRO D 101 -3.05 -8.37 55.90
N LYS D 102 -3.18 -9.34 55.00
CA LYS D 102 -2.05 -10.24 54.67
C LYS D 102 -1.09 -9.70 53.56
N ARG D 103 -1.39 -8.53 53.04
CA ARG D 103 -0.73 -8.03 51.84
C ARG D 103 0.79 -7.94 51.94
N LEU D 104 1.33 -7.63 53.13
CA LEU D 104 2.78 -7.53 53.32
C LEU D 104 3.43 -8.79 53.84
N THR D 105 2.72 -9.89 53.79
CA THR D 105 3.27 -11.18 54.16
C THR D 105 4.36 -11.64 53.20
N SER D 106 4.11 -11.53 51.90
CA SER D 106 5.14 -11.81 50.93
C SER D 106 4.86 -10.94 49.74
N LEU D 107 5.87 -10.81 48.92
CA LEU D 107 5.71 -10.08 47.70
C LEU D 107 4.52 -10.64 46.90
N GLN D 108 4.34 -11.95 46.93
CA GLN D 108 3.26 -12.60 46.22
C GLN D 108 1.95 -12.08 46.70
N TYR D 109 1.79 -12.03 48.02
CA TYR D 109 0.58 -11.49 48.62
C TYR D 109 0.39 -10.04 48.25
N PHE D 110 1.44 -9.24 48.27
CA PHE D 110 1.30 -7.86 47.82
C PHE D 110 0.81 -7.76 46.40
N SER D 111 1.32 -8.61 45.54
CA SER D 111 0.95 -8.60 44.14
C SER D 111 -0.51 -8.92 43.99
N ILE D 112 -0.95 -9.86 44.80
CA ILE D 112 -2.33 -10.27 44.80
C ILE D 112 -3.18 -9.09 45.24
N TYR D 113 -2.82 -8.52 46.38
CA TYR D 113 -3.46 -7.35 46.92
C TYR D 113 -3.65 -6.27 45.85
N LEU D 114 -2.64 -6.04 45.03
CA LEU D 114 -2.72 -5.02 43.98
C LEU D 114 -3.66 -5.41 42.88
N GLY D 115 -3.79 -6.70 42.64
CA GLY D 115 -4.84 -7.19 41.79
C GLY D 115 -6.24 -6.85 42.29
N TYR D 116 -6.43 -6.90 43.60
CA TYR D 116 -7.69 -6.43 44.18
C TYR D 116 -7.92 -4.97 43.92
N ILE D 117 -6.93 -4.15 44.18
CA ILE D 117 -7.06 -2.73 43.93
C ILE D 117 -7.37 -2.47 42.46
N SER D 118 -6.75 -3.23 41.55
CA SER D 118 -7.01 -3.09 40.13
C SER D 118 -8.47 -3.27 39.85
N ILE D 119 -9.05 -4.32 40.43
CA ILE D 119 -10.47 -4.62 40.31
C ILE D 119 -11.31 -3.48 40.88
N ALA D 120 -11.09 -3.18 42.14
CA ALA D 120 -11.74 -2.06 42.81
C ALA D 120 -11.79 -0.81 41.92
N HIS D 121 -10.66 -0.45 41.34
CA HIS D 121 -10.60 0.72 40.49
C HIS D 121 -11.58 0.58 39.31
N HIS D 122 -11.53 -0.57 38.64
CA HIS D 122 -12.41 -0.87 37.49
C HIS D 122 -13.92 -0.82 37.81
N TYR D 123 -14.30 -1.35 38.98
CA TYR D 123 -15.69 -1.33 39.38
C TYR D 123 -16.02 -0.23 40.40
N ASN D 124 -15.21 0.82 40.40
CA ASN D 124 -15.47 2.00 41.22
C ASN D 124 -15.70 1.72 42.71
N ILE D 125 -15.22 0.58 43.19
CA ILE D 125 -15.35 0.18 44.56
C ILE D 125 -14.36 0.98 45.39
N GLU D 126 -14.78 1.42 46.57
CA GLU D 126 -13.98 2.31 47.40
C GLU D 126 -13.07 1.49 48.29
N VAL D 127 -11.80 1.88 48.36
CA VAL D 127 -10.80 1.16 49.15
C VAL D 127 -9.91 2.18 49.81
N PRO D 128 -10.44 2.83 50.86
CA PRO D 128 -9.74 3.98 51.47
C PRO D 128 -8.38 3.58 52.04
N THR D 129 -8.30 2.34 52.53
CA THR D 129 -7.07 1.76 53.05
C THR D 129 -5.91 1.97 52.11
N PHE D 130 -6.15 1.68 50.83
CA PHE D 130 -5.15 1.79 49.80
C PHE D 130 -4.45 3.11 49.91
N ASN D 131 -5.17 4.20 49.70
CA ASN D 131 -4.54 5.50 49.69
C ASN D 131 -3.85 5.87 50.97
N LYS D 132 -4.32 5.35 52.09
CA LYS D 132 -3.59 5.51 53.35
C LYS D 132 -2.25 4.79 53.34
N THR D 133 -2.27 3.56 52.88
CA THR D 133 -1.19 2.67 53.15
C THR D 133 -0.11 2.58 52.03
N ILE D 134 -0.46 2.58 50.74
CA ILE D 134 0.55 2.31 49.71
C ILE D 134 1.85 3.02 49.87
N THR D 135 1.88 4.31 50.11
CA THR D 135 3.17 4.99 50.18
C THR D 135 4.04 4.31 51.23
N SER D 136 3.46 4.09 52.40
CA SER D 136 4.16 3.38 53.45
C SER D 136 4.46 1.90 53.13
N ASP D 137 3.56 1.23 52.42
CA ASP D 137 3.79 -0.14 52.03
C ASP D 137 5.00 -0.23 51.14
N LEU D 138 5.00 0.56 50.09
CA LEU D 138 6.05 0.56 49.11
C LEU D 138 7.36 0.93 49.79
N LYS D 139 7.30 1.89 50.70
CA LYS D 139 8.48 2.20 51.50
C LYS D 139 8.98 0.96 52.25
N HIS D 140 8.08 0.26 52.93
CA HIS D 140 8.39 -0.95 53.66
C HIS D 140 9.02 -2.01 52.77
N LEU D 141 8.49 -2.17 51.59
CA LEU D 141 8.92 -3.25 50.73
C LEU D 141 10.23 -2.95 50.02
N TYR D 142 10.44 -1.70 49.60
CA TYR D 142 11.51 -1.39 48.66
C TYR D 142 12.60 -0.46 49.16
N ASP D 143 12.46 0.14 50.33
CA ASP D 143 13.42 1.12 50.79
C ASP D 143 14.85 0.60 50.85
N LYS D 144 14.97 -0.63 51.30
CA LYS D 144 16.25 -1.23 51.56
C LYS D 144 16.56 -2.41 50.63
N ARG D 145 16.14 -2.34 49.40
CA ARG D 145 16.28 -3.50 48.58
C ARG D 145 17.38 -3.22 47.63
N THR D 146 18.03 -4.28 47.21
CA THR D 146 19.16 -4.19 46.34
C THR D 146 19.12 -5.15 45.13
N THR D 147 18.54 -6.32 45.27
CA THR D 147 18.29 -7.21 44.15
C THR D 147 16.79 -7.34 43.99
N PHE D 148 16.36 -7.65 42.77
CA PHE D 148 14.99 -7.83 42.47
C PHE D 148 14.76 -9.08 41.66
N PHE D 149 13.56 -9.60 41.81
CA PHE D 149 13.18 -10.87 41.31
C PHE D 149 11.96 -10.65 40.45
N GLY D 150 11.60 -11.63 39.65
CA GLY D 150 10.44 -11.52 38.79
C GLY D 150 9.21 -10.98 39.50
N ILE D 151 8.91 -11.52 40.67
CA ILE D 151 7.79 -11.04 41.44
C ILE D 151 7.79 -9.52 41.64
N ASP D 152 8.94 -8.88 41.83
CA ASP D 152 8.98 -7.41 41.91
C ASP D 152 8.54 -6.70 40.63
N CYS D 153 8.88 -7.27 39.49
CA CYS D 153 8.50 -6.70 38.24
C CYS D 153 7.03 -6.91 38.05
N GLU D 154 6.55 -8.05 38.51
CA GLU D 154 5.14 -8.34 38.50
C GLU D 154 4.43 -7.28 39.34
N ILE D 155 4.96 -7.01 40.50
CA ILE D 155 4.37 -6.02 41.37
C ILE D 155 4.35 -4.68 40.71
N VAL D 156 5.44 -4.32 40.02
CA VAL D 156 5.56 -3.01 39.42
C VAL D 156 4.59 -2.82 38.27
N SER D 157 4.37 -3.85 37.45
CA SER D 157 3.31 -3.80 36.43
C SER D 157 1.96 -3.50 37.11
N ASN D 158 1.69 -4.19 38.21
CA ASN D 158 0.48 -4.00 38.94
C ASN D 158 0.35 -2.57 39.40
N LEU D 159 1.41 -2.04 40.01
CA LEU D 159 1.39 -0.69 40.53
C LEU D 159 1.19 0.32 39.42
N LEU D 160 1.80 0.10 38.25
CA LEU D 160 1.65 0.99 37.11
C LEU D 160 0.22 1.14 36.73
N ASN D 161 -0.52 0.09 37.02
CA ASN D 161 -1.88 -0.03 36.63
C ASN D 161 -2.86 0.57 37.65
N VAL D 162 -2.42 0.90 38.84
CA VAL D 162 -3.32 1.49 39.86
C VAL D 162 -2.75 2.72 40.54
N LEU D 163 -1.67 3.29 40.00
CA LEU D 163 -1.04 4.47 40.58
C LEU D 163 -0.55 5.35 39.46
N PRO D 164 -0.40 6.63 39.74
CA PRO D 164 0.25 7.53 38.81
C PRO D 164 1.69 7.11 38.54
N TYR D 165 2.13 7.34 37.32
CA TYR D 165 3.43 6.93 36.91
C TYR D 165 4.55 7.41 37.86
N GLU D 166 4.42 8.64 38.34
CA GLU D 166 5.45 9.29 39.15
C GLU D 166 5.64 8.54 40.42
N GLU D 167 4.56 8.08 41.00
CA GLU D 167 4.65 7.33 42.24
C GLU D 167 5.28 5.95 42.05
N VAL D 168 5.44 5.47 40.81
CA VAL D 168 6.06 4.18 40.59
C VAL D 168 7.49 4.25 40.02
N SER D 169 7.86 5.32 39.31
CA SER D 169 9.12 5.32 38.56
C SER D 169 10.32 5.03 39.38
N SER D 170 10.41 5.73 40.49
CA SER D 170 11.50 5.55 41.40
C SER D 170 11.70 4.06 41.73
N ILE D 171 10.62 3.30 41.90
CA ILE D 171 10.67 1.87 42.18
C ILE D 171 11.16 1.03 40.97
N ILE D 172 10.87 1.50 39.76
CA ILE D 172 11.26 0.76 38.58
C ILE D 172 12.74 0.88 38.33
N LYS D 173 13.21 2.11 38.28
CA LYS D 173 14.52 2.41 37.79
C LYS D 173 15.60 1.46 38.31
N PRO D 174 15.72 1.23 39.61
CA PRO D 174 16.74 0.29 40.15
C PRO D 174 16.72 -1.19 39.68
N MET D 175 15.66 -1.60 39.06
CA MET D 175 15.52 -2.99 38.65
C MET D 175 16.02 -3.24 37.25
N TYR D 176 16.39 -2.17 36.53
CA TYR D 176 16.85 -2.25 35.16
C TYR D 176 18.21 -1.59 35.14
N PRO D 177 19.07 -1.97 34.22
CA PRO D 177 18.87 -2.95 33.17
C PRO D 177 19.05 -4.34 33.71
N ILE D 178 18.38 -5.29 33.08
CA ILE D 178 18.42 -6.72 33.42
C ILE D 178 19.69 -7.25 32.81
N VAL D 179 20.35 -8.18 33.49
CA VAL D 179 21.59 -8.76 33.00
C VAL D 179 21.55 -10.27 32.76
N ASP D 180 20.55 -10.96 33.30
CA ASP D 180 20.45 -12.43 33.14
C ASP D 180 19.03 -12.84 32.96
N SER D 181 18.82 -13.86 32.12
CA SER D 181 17.55 -14.58 32.03
C SER D 181 17.50 -15.66 33.09
N PHE D 182 16.38 -15.78 33.79
CA PHE D 182 16.16 -16.88 34.71
C PHE D 182 14.91 -17.67 34.30
N GLY D 183 14.83 -17.94 33.00
CA GLY D 183 13.78 -18.78 32.48
C GLY D 183 12.73 -18.00 31.77
N LYS D 184 11.94 -18.67 30.97
CA LYS D 184 10.92 -18.00 30.17
C LYS D 184 9.89 -17.24 31.05
N ASP D 185 9.60 -17.82 32.20
CA ASP D 185 8.67 -17.20 33.09
C ASP D 185 9.18 -15.85 33.49
N TYR D 186 10.40 -15.81 34.02
CA TYR D 186 11.06 -14.57 34.44
C TYR D 186 11.15 -13.58 33.30
N ASP D 187 11.61 -14.09 32.17
CA ASP D 187 11.82 -13.31 31.01
C ASP D 187 10.59 -12.55 30.66
N LEU D 188 9.44 -13.18 30.75
CA LEU D 188 8.24 -12.50 30.34
C LEU D 188 7.92 -11.43 31.34
N THR D 189 8.12 -11.69 32.61
CA THR D 189 7.71 -10.75 33.60
C THR D 189 8.42 -9.43 33.44
N ILE D 190 9.73 -9.49 33.30
CA ILE D 190 10.56 -8.30 33.08
C ILE D 190 10.19 -7.53 31.83
N GLN D 191 9.69 -8.21 30.81
CA GLN D 191 9.28 -7.52 29.60
C GLN D 191 8.00 -6.79 29.82
N THR D 192 7.07 -7.41 30.54
CA THR D 192 5.76 -6.81 30.72
C THR D 192 5.82 -5.38 31.26
N VAL D 193 6.65 -5.17 32.26
CA VAL D 193 6.82 -3.85 32.86
C VAL D 193 7.23 -2.83 31.83
N LEU D 194 8.22 -3.19 31.02
CA LEU D 194 8.71 -2.25 30.02
C LEU D 194 7.63 -1.90 29.05
N LYS D 195 6.83 -2.88 28.65
CA LYS D 195 5.76 -2.65 27.71
C LYS D 195 4.81 -1.64 28.30
N ASN D 196 4.36 -1.93 29.50
CA ASN D 196 3.34 -1.10 30.09
C ASN D 196 3.79 0.29 30.41
N ALA D 197 5.04 0.38 30.83
CA ALA D 197 5.63 1.64 31.18
C ALA D 197 5.79 2.44 29.90
N LEU D 198 6.26 1.80 28.85
CA LEU D 198 6.45 2.47 27.58
C LEU D 198 5.12 3.01 27.08
N THR D 199 4.10 2.19 27.15
CA THR D 199 2.78 2.64 26.77
C THR D 199 2.41 3.92 27.54
N ILE D 200 2.52 3.89 28.85
CA ILE D 200 2.16 5.05 29.63
C ILE D 200 2.99 6.26 29.25
N SER D 201 4.29 6.10 29.10
CA SER D 201 5.17 7.21 28.78
C SER D 201 4.72 7.83 27.48
N ILE D 202 4.49 7.00 26.46
CA ILE D 202 4.02 7.48 25.15
C ILE D 202 2.69 8.22 25.31
N MET D 203 1.74 7.61 26.00
CA MET D 203 0.45 8.25 26.19
C MET D 203 0.50 9.58 26.95
N ASN D 204 1.48 9.76 27.82
CA ASN D 204 1.65 11.02 28.53
C ASN D 204 2.56 11.98 27.76
N ARG D 205 2.97 11.57 26.57
CA ARG D 205 3.95 12.28 25.75
C ARG D 205 5.31 12.50 26.42
N ASN D 206 5.60 11.76 27.47
CA ASN D 206 6.89 11.83 28.13
C ASN D 206 7.88 11.06 27.30
N LEU D 207 8.53 11.75 26.38
CA LEU D 207 9.42 11.09 25.42
C LEU D 207 10.77 10.69 25.99
N LYS D 208 11.17 11.26 27.12
CA LYS D 208 12.44 10.90 27.75
C LYS D 208 12.27 9.50 28.35
N GLU D 209 11.23 9.29 29.20
CA GLU D 209 11.00 7.96 29.80
C GLU D 209 10.69 6.98 28.71
N ALA D 210 9.90 7.38 27.75
CA ALA D 210 9.57 6.48 26.66
C ALA D 210 10.87 5.92 26.04
N GLN D 211 11.82 6.79 25.71
CA GLN D 211 13.08 6.38 25.13
C GLN D 211 13.83 5.41 26.06
N TYR D 212 13.71 5.63 27.36
CA TYR D 212 14.39 4.80 28.35
C TYR D 212 13.87 3.39 28.27
N TYR D 213 12.56 3.25 28.24
CA TYR D 213 11.92 1.96 28.16
C TYR D 213 12.25 1.26 26.88
N ILE D 214 12.27 1.98 25.77
CA ILE D 214 12.66 1.37 24.50
C ILE D 214 14.05 0.76 24.59
N ASN D 215 14.94 1.49 25.26
CA ASN D 215 16.31 1.08 25.34
C ASN D 215 16.43 -0.10 26.24
N GLN D 216 15.72 -0.06 27.36
CA GLN D 216 15.69 -1.19 28.25
C GLN D 216 15.20 -2.47 27.60
N PHE D 217 14.21 -2.37 26.73
CA PHE D 217 13.72 -3.52 26.02
C PHE D 217 14.70 -3.97 24.98
N GLU D 218 15.30 -3.05 24.23
CA GLU D 218 16.25 -3.44 23.20
C GLU D 218 17.50 -4.04 23.87
N HIS D 219 17.78 -3.65 25.09
CA HIS D 219 18.87 -4.22 25.82
C HIS D 219 18.61 -5.66 26.11
N LEU D 220 17.39 -5.98 26.51
CA LEU D 220 17.06 -7.38 26.85
C LEU D 220 17.44 -8.31 25.71
N LYS D 221 17.27 -7.86 24.49
CA LYS D 221 17.51 -8.73 23.37
C LYS D 221 18.97 -9.20 23.31
N THR D 222 19.89 -8.44 23.91
CA THR D 222 21.29 -8.84 23.92
C THR D 222 21.59 -9.86 25.00
N ILE D 223 20.67 -10.12 25.90
CA ILE D 223 20.87 -11.06 26.98
C ILE D 223 20.91 -12.48 26.49
N LYS D 224 21.82 -13.25 27.08
CA LYS D 224 22.10 -14.62 26.71
C LYS D 224 20.97 -15.54 27.13
N ASN D 225 20.43 -16.28 26.17
CA ASN D 225 19.29 -17.17 26.41
C ASN D 225 17.99 -16.42 26.73
N ILE D 226 17.95 -15.11 26.50
CA ILE D 226 16.76 -14.32 26.79
C ILE D 226 15.73 -14.88 25.87
N SER D 227 14.47 -14.64 26.19
CA SER D 227 13.38 -15.15 25.39
C SER D 227 12.42 -14.03 25.18
N ILE D 228 12.53 -13.37 24.05
CA ILE D 228 11.69 -12.22 23.83
C ILE D 228 10.30 -12.64 23.35
N ASN D 229 9.30 -12.00 23.94
CA ASN D 229 7.92 -12.17 23.54
C ASN D 229 7.65 -11.43 22.25
N GLY D 230 7.35 -12.14 21.16
CA GLY D 230 7.10 -11.55 19.84
C GLY D 230 5.94 -10.56 19.78
N TYR D 231 4.88 -10.84 20.51
CA TYR D 231 3.74 -9.94 20.52
C TYR D 231 4.17 -8.63 21.15
N TYR D 232 4.91 -8.71 22.22
CA TYR D 232 5.52 -7.51 22.80
C TYR D 232 6.51 -6.86 21.83
N ASP D 233 7.31 -7.65 21.15
CA ASP D 233 8.30 -7.11 20.25
C ASP D 233 7.56 -6.19 19.27
N LEU D 234 6.49 -6.73 18.71
CA LEU D 234 5.63 -6.01 17.76
C LEU D 234 5.04 -4.78 18.36
N GLU D 235 4.48 -4.88 19.53
CA GLU D 235 3.75 -3.75 20.08
C GLU D 235 4.66 -2.64 20.50
N ILE D 236 5.75 -3.01 21.13
CA ILE D 236 6.75 -2.04 21.49
C ILE D 236 7.31 -1.42 20.23
N ASN D 237 7.41 -2.19 19.16
CA ASN D 237 7.83 -1.61 17.88
C ASN D 237 6.87 -0.61 17.33
N TYR D 238 5.59 -0.88 17.50
CA TYR D 238 4.59 0.10 17.18
C TYR D 238 4.85 1.36 18.00
N LEU D 239 5.16 1.21 19.29
CA LEU D 239 5.33 2.35 20.15
C LEU D 239 6.54 3.16 19.77
N LYS D 240 7.62 2.47 19.37
CA LYS D 240 8.83 3.09 18.84
C LYS D 240 8.46 3.96 17.69
N GLN D 241 7.53 3.44 16.93
CA GLN D 241 7.10 4.02 15.71
C GLN D 241 6.32 5.30 15.99
N ILE D 242 5.44 5.26 16.98
CA ILE D 242 4.76 6.46 17.44
C ILE D 242 5.75 7.44 18.05
N TYR D 243 6.74 6.94 18.76
CA TYR D 243 7.76 7.78 19.35
C TYR D 243 8.47 8.61 18.30
N GLN D 244 8.97 8.01 17.24
CA GLN D 244 9.58 8.77 16.14
C GLN D 244 8.62 9.76 15.55
N PHE D 245 7.34 9.42 15.52
CA PHE D 245 6.40 10.33 14.99
C PHE D 245 6.21 11.53 15.92
N LEU D 246 6.16 11.33 17.23
CA LEU D 246 6.03 12.44 18.14
C LEU D 246 7.28 13.30 18.14
N THR D 247 8.44 12.68 18.07
CA THR D 247 9.65 13.45 18.10
C THR D 247 9.80 14.27 16.82
N ASP D 248 9.43 13.74 15.66
CA ASP D 248 9.73 14.48 14.45
C ASP D 248 8.58 14.47 13.40
N LYS D 249 7.36 14.63 13.89
CA LYS D 249 6.12 14.40 13.12
C LYS D 249 6.42 13.89 11.73
N ASN D 250 6.74 12.61 11.62
CA ASN D 250 7.17 12.08 10.33
C ASN D 250 6.27 10.95 9.78
N ILE D 251 5.95 11.03 8.50
CA ILE D 251 4.81 10.29 7.94
C ILE D 251 4.97 8.77 7.85
N ASP D 252 6.19 8.36 7.53
CA ASP D 252 6.48 6.95 7.39
C ASP D 252 6.32 6.24 8.73
N SER D 253 6.73 6.88 9.82
CA SER D 253 6.52 6.30 11.14
C SER D 253 5.06 6.13 11.44
N TYR D 254 4.25 7.14 11.14
CA TYR D 254 2.82 7.06 11.34
C TYR D 254 2.27 5.84 10.61
N LEU D 255 2.59 5.81 9.33
CA LEU D 255 2.25 4.72 8.44
C LEU D 255 2.59 3.34 8.99
N ASN D 256 3.83 3.19 9.42
CA ASN D 256 4.32 1.97 10.05
C ASN D 256 3.51 1.61 11.31
N ALA D 257 3.22 2.58 12.17
CA ALA D 257 2.45 2.29 13.38
C ALA D 257 1.15 1.66 12.97
N VAL D 258 0.51 2.30 12.00
CA VAL D 258 -0.80 1.86 11.49
C VAL D 258 -0.76 0.45 10.96
N ASN D 259 0.30 0.19 10.26
CA ASN D 259 0.54 -1.09 9.70
C ASN D 259 0.62 -2.19 10.72
N ILE D 260 1.31 -1.89 11.81
CA ILE D 260 1.53 -2.84 12.86
C ILE D 260 0.18 -3.15 13.46
N ILE D 261 -0.60 -2.11 13.72
CA ILE D 261 -1.94 -2.20 14.30
C ILE D 261 -2.76 -3.15 13.49
N ASN D 262 -2.63 -2.98 12.20
CA ASN D 262 -3.32 -3.81 11.30
C ASN D 262 -2.83 -5.26 11.30
N ILE D 263 -1.54 -5.48 11.48
CA ILE D 263 -1.01 -6.83 11.52
C ILE D 263 -1.64 -7.59 12.68
N PHE D 264 -1.73 -6.95 13.83
CA PHE D 264 -2.36 -7.56 15.01
C PHE D 264 -3.75 -8.04 14.66
N LYS D 265 -4.49 -7.21 13.94
CA LYS D 265 -5.80 -7.60 13.48
C LYS D 265 -5.73 -8.81 12.52
N ILE D 266 -4.91 -8.75 11.50
CA ILE D 266 -4.71 -9.85 10.59
C ILE D 266 -4.38 -11.22 11.29
N ILE D 267 -3.64 -11.20 12.40
CA ILE D 267 -3.24 -12.43 13.05
C ILE D 267 -4.21 -12.78 14.16
N GLY D 268 -5.27 -12.02 14.24
CA GLY D 268 -6.37 -12.36 15.09
C GLY D 268 -6.28 -11.86 16.50
N LYS D 269 -5.31 -11.03 16.81
CA LYS D 269 -5.06 -10.65 18.20
C LYS D 269 -5.90 -9.40 18.52
N GLU D 270 -7.20 -9.60 18.61
CA GLU D 270 -8.17 -8.49 18.64
C GLU D 270 -8.09 -7.71 19.93
N ASP D 271 -7.84 -8.40 21.02
CA ASP D 271 -7.53 -7.71 22.30
C ASP D 271 -6.55 -6.54 22.02
N ILE D 272 -5.39 -6.86 21.45
CA ILE D 272 -4.34 -5.85 21.31
C ILE D 272 -4.78 -4.86 20.27
N HIS D 273 -5.28 -5.35 19.13
CA HIS D 273 -5.75 -4.47 18.05
C HIS D 273 -6.58 -3.37 18.61
N ARG D 274 -7.55 -3.74 19.45
CA ARG D 274 -8.46 -2.73 19.98
C ARG D 274 -7.73 -1.68 20.80
N SER D 275 -6.80 -2.12 21.64
CA SER D 275 -6.10 -1.19 22.53
C SER D 275 -5.30 -0.22 21.70
N LEU D 276 -4.66 -0.74 20.67
CA LEU D 276 -3.76 0.07 19.87
C LEU D 276 -4.51 1.01 18.98
N VAL D 277 -5.64 0.55 18.47
CA VAL D 277 -6.52 1.45 17.76
C VAL D 277 -6.93 2.59 18.66
N GLU D 278 -7.37 2.28 19.87
CA GLU D 278 -7.75 3.33 20.79
C GLU D 278 -6.63 4.29 21.14
N GLU D 279 -5.45 3.74 21.44
CA GLU D 279 -4.31 4.58 21.79
C GLU D 279 -4.05 5.50 20.65
N LEU D 280 -3.92 4.94 19.46
CA LEU D 280 -3.53 5.72 18.30
C LEU D 280 -4.50 6.84 18.09
N THR D 281 -5.78 6.55 18.25
CA THR D 281 -6.78 7.59 18.13
C THR D 281 -6.54 8.72 19.14
N LYS D 282 -6.27 8.36 20.39
CA LYS D 282 -6.06 9.39 21.43
C LYS D 282 -4.80 10.21 21.15
N ILE D 283 -3.69 9.54 20.84
CA ILE D 283 -2.43 10.23 20.51
C ILE D 283 -2.67 11.16 19.34
N SER D 284 -3.45 10.69 18.36
CA SER D 284 -3.70 11.50 17.17
C SER D 284 -4.47 12.74 17.56
N ALA D 285 -5.59 12.54 18.25
CA ALA D 285 -6.35 13.66 18.74
C ALA D 285 -5.41 14.62 19.44
N LYS D 286 -4.58 14.13 20.36
CA LYS D 286 -3.61 14.96 21.09
C LYS D 286 -2.77 15.79 20.14
N GLU D 287 -2.27 15.19 19.08
CA GLU D 287 -1.46 15.92 18.11
C GLU D 287 -2.26 16.67 17.06
N LYS D 288 -3.57 16.81 17.25
CA LYS D 288 -4.41 17.55 16.33
C LYS D 288 -4.30 16.88 14.94
N PHE D 289 -5.00 15.75 14.81
CA PHE D 289 -4.73 14.79 13.72
C PHE D 289 -5.76 13.71 13.64
N THR D 290 -6.08 13.36 12.41
CA THR D 290 -7.16 12.45 12.15
C THR D 290 -6.52 11.16 11.65
N PRO D 291 -6.73 10.06 12.39
CA PRO D 291 -6.11 8.86 11.90
C PRO D 291 -6.89 8.37 10.72
N PRO D 292 -6.34 7.41 9.99
CA PRO D 292 -7.03 6.88 8.83
C PRO D 292 -8.42 6.41 9.15
N LYS D 293 -9.32 6.57 8.19
CA LYS D 293 -10.73 6.24 8.36
C LYS D 293 -10.89 4.76 8.69
N GLU D 294 -10.04 3.94 8.07
CA GLU D 294 -9.85 2.53 8.45
C GLU D 294 -9.85 2.30 9.98
N VAL D 295 -9.06 3.08 10.71
CA VAL D 295 -8.87 2.85 12.16
C VAL D 295 -9.94 3.52 13.02
N THR D 296 -10.47 4.65 12.59
CA THR D 296 -11.55 5.29 13.34
C THR D 296 -12.90 4.56 13.11
N MET D 297 -13.04 3.82 11.99
CA MET D 297 -14.13 2.85 11.86
C MET D 297 -14.05 1.85 13.04
N TYR D 298 -12.85 1.38 13.36
CA TYR D 298 -12.64 0.44 14.47
C TYR D 298 -12.83 1.09 15.87
N TYR D 299 -12.49 2.38 16.02
CA TYR D 299 -12.77 3.08 17.29
C TYR D 299 -14.30 3.37 17.46
N GLU D 300 -14.98 3.62 16.33
CA GLU D 300 -16.40 3.98 16.31
C GLU D 300 -17.25 2.93 17.03
N ASN D 301 -16.97 1.65 16.74
CA ASN D 301 -17.70 0.52 17.37
C ASN D 301 -17.03 -0.08 18.64
N TYR D 302 -15.73 0.11 18.81
CA TYR D 302 -15.12 -0.34 20.06
C TYR D 302 -15.73 0.37 21.27
N VAL D 303 -16.31 1.56 21.05
CA VAL D 303 -17.35 2.13 21.98
C VAL D 303 -18.79 1.55 21.70
#